data_6YJT
#
_entry.id   6YJT
#
_cell.length_a   47.030
_cell.length_b   69.590
_cell.length_c   90.000
_cell.angle_alpha   107.770
_cell.angle_beta   91.810
_cell.angle_gamma   106.940
#
_symmetry.space_group_name_H-M   'P 1'
#
loop_
_entity.id
_entity.type
_entity.pdbx_description
1 polymer 'Alpha-1,6-mannosylglycoprotein 6-beta-N-acetylglucosaminyltransferase A'
2 non-polymer "URIDINE-5'-DIPHOSPHATE"
3 non-polymer 1,2-ETHANEDIOL
4 non-polymer 2-acetamido-2-deoxy-beta-D-glucopyranose
5 non-polymer 'SULFATE ION'
6 water water
#
_entity_poly.entity_id   1
_entity_poly.type   'polypeptide(L)'
_entity_poly.pdbx_seq_one_letter_code
;SLAEIRTDFNILYSMMKKHEEFRWMRLRIRRMADAWIQAIKSLAEKQNLEKRKRKKVLVHLGLLTKESGFKIAETAFSGG
PLGELVQWSDLITSLYLLGHDIRISASLAELKEIMGGGGVELIYIDIVGLAQFKKTLGPSWVHYQCMLRVLDSFGTEPEF
NHANYAQSKGHKTPWGKWNLNPQQFYTMFPHTPDNSFLGFVVEQHLNSSDIHHINEIKRQNQSLVYGKVDSFWKNKKIYL
DIIHTYMEVHATVYGSSTKNIPSYVKNHGILSGRDLQFLLRETKLFVGLGFPYEGPAPLEAIANGCAFLNPKFNPPKSSK
NTDFFIGKPTLRELTSQHPYAEVFIGRPHVWTVDLNNQEEVEDAVKAILNQKIEPYMPYEFTCEGMLQRINAFIEKQDFC
HGQVMWPPLSALQVKLAEPGQSCKQVCQESQLICEPSFFQHLNKDKDMLKYKVTCQSSELAKDILVPSFDPKNKHCVFQG
DLLLFSCAGAHPRHQRVCPCRDFIKGQVALCKDCL
;
_entity_poly.pdbx_strand_id   AAA,BBB
#
# COMPACT_ATOMS: atom_id res chain seq x y z
N SER A 1 17.85 37.65 4.00
CA SER A 1 18.50 37.39 2.69
C SER A 1 19.53 36.24 2.79
N LEU A 2 19.93 35.79 3.99
CA LEU A 2 20.83 34.63 4.17
C LEU A 2 19.99 33.37 4.44
N ALA A 3 20.36 32.24 3.83
CA ALA A 3 19.69 30.93 4.03
C ALA A 3 19.97 30.45 5.45
N GLU A 4 18.94 29.96 6.16
CA GLU A 4 19.10 29.28 7.46
C GLU A 4 18.60 27.85 7.29
N ILE A 5 19.37 26.86 7.73
CA ILE A 5 18.91 25.44 7.68
C ILE A 5 17.57 25.33 8.41
N ARG A 6 16.69 24.48 7.89
CA ARG A 6 15.38 24.16 8.50
C ARG A 6 15.49 22.78 9.15
N THR A 7 14.91 22.62 10.33
CA THR A 7 15.01 21.36 11.11
C THR A 7 13.60 20.87 11.47
N ASP A 8 12.59 21.44 10.83
CA ASP A 8 11.16 21.16 11.07
C ASP A 8 10.52 21.11 9.67
N PHE A 9 9.65 20.12 9.40
CA PHE A 9 8.97 19.91 8.11
C PHE A 9 7.55 20.48 8.07
N ASN A 10 7.08 21.18 9.09
CA ASN A 10 5.70 21.72 9.12
C ASN A 10 5.42 22.55 7.87
N ILE A 11 6.27 23.53 7.57
CA ILE A 11 6.08 24.41 6.37
C ILE A 11 6.08 23.57 5.08
N LEU A 12 6.98 22.60 4.95
CA LEU A 12 7.08 21.75 3.74
C LEU A 12 5.78 20.95 3.59
N TYR A 13 5.36 20.25 4.64
CA TYR A 13 4.12 19.43 4.63
C TYR A 13 2.96 20.29 4.14
N SER A 14 2.91 21.53 4.64
CA SER A 14 1.90 22.55 4.32
C SER A 14 1.91 22.90 2.82
N MET A 15 3.09 22.98 2.21
CA MET A 15 3.26 23.29 0.75
C MET A 15 2.79 22.11 -0.09
N MET A 16 3.04 20.90 0.37
CA MET A 16 2.81 19.67 -0.43
C MET A 16 1.35 19.25 -0.33
N LYS A 17 0.61 19.79 0.65
CA LYS A 17 -0.84 19.51 0.83
C LYS A 17 -1.65 20.24 -0.25
N LYS A 18 -1.07 21.27 -0.89
CA LYS A 18 -1.80 22.17 -1.84
C LYS A 18 -2.05 21.45 -3.18
N HIS A 19 -1.35 20.35 -3.47
CA HIS A 19 -1.67 19.47 -4.61
C HIS A 19 -1.77 18.02 -4.15
N GLU A 20 -2.91 17.41 -4.46
CA GLU A 20 -3.19 15.98 -4.27
C GLU A 20 -2.07 15.17 -4.96
N GLU A 21 -1.59 15.66 -6.10
CA GLU A 21 -0.55 15.02 -6.95
C GLU A 21 0.69 14.70 -6.10
N PHE A 22 0.96 15.51 -5.07
CA PHE A 22 2.18 15.43 -4.22
C PHE A 22 2.05 14.36 -3.12
N ARG A 23 0.87 13.74 -2.97
CA ARG A 23 0.57 12.84 -1.83
C ARG A 23 1.70 11.82 -1.67
N TRP A 24 2.13 11.14 -2.75
CA TRP A 24 3.12 10.04 -2.60
C TRP A 24 4.45 10.60 -2.08
N MET A 25 4.91 11.72 -2.65
CA MET A 25 6.18 12.38 -2.22
C MET A 25 6.07 12.84 -0.77
N ARG A 26 4.91 13.38 -0.35
CA ARG A 26 4.73 13.83 1.05
C ARG A 26 4.87 12.63 2.02
N LEU A 27 4.31 11.48 1.68
CA LEU A 27 4.37 10.25 2.51
C LEU A 27 5.82 9.78 2.60
N ARG A 28 6.56 9.84 1.48
CA ARG A 28 7.99 9.43 1.46
C ARG A 28 8.79 10.33 2.40
N ILE A 29 8.62 11.65 2.28
CA ILE A 29 9.38 12.63 3.11
C ILE A 29 9.09 12.35 4.59
N ARG A 30 7.81 12.15 4.93
CA ARG A 30 7.34 11.82 6.29
C ARG A 30 8.04 10.56 6.84
N ARG A 31 8.19 9.50 6.04
CA ARG A 31 8.89 8.26 6.47
C ARG A 31 10.38 8.53 6.74
N MET A 32 11.01 9.43 5.97
CA MET A 32 12.48 9.67 6.02
C MET A 32 12.84 10.93 6.83
N ALA A 33 11.87 11.60 7.45
CA ALA A 33 12.03 12.94 8.07
C ALA A 33 13.13 12.93 9.15
N ASP A 34 13.17 11.92 10.03
CA ASP A 34 14.17 11.90 11.14
C ASP A 34 15.59 11.79 10.56
N ALA A 35 15.76 10.97 9.52
CA ALA A 35 17.06 10.78 8.83
C ALA A 35 17.48 12.11 8.18
N TRP A 36 16.55 12.82 7.56
CA TRP A 36 16.83 14.11 6.88
C TRP A 36 17.29 15.12 7.93
N ILE A 37 16.59 15.22 9.05
CA ILE A 37 16.89 16.26 10.07
C ILE A 37 18.25 15.98 10.70
N GLN A 38 18.53 14.73 11.04
CA GLN A 38 19.86 14.30 11.56
C GLN A 38 20.93 14.78 10.56
N ALA A 39 20.64 14.64 9.28
CA ALA A 39 21.63 14.86 8.21
C ALA A 39 21.94 16.34 8.05
N ILE A 40 20.94 17.21 8.05
CA ILE A 40 21.24 18.64 7.80
C ILE A 40 22.03 19.15 9.02
N LYS A 41 21.73 18.65 10.22
CA LYS A 41 22.43 19.12 11.44
C LYS A 41 23.88 18.66 11.38
N SER A 42 24.10 17.40 11.04
CA SER A 42 25.45 16.80 10.86
C SER A 42 26.25 17.58 9.79
N LEU A 43 25.66 17.85 8.61
CA LEU A 43 26.37 18.58 7.53
C LEU A 43 26.79 19.96 8.05
N ALA A 44 25.91 20.70 8.74
CA ALA A 44 26.15 22.07 9.21
C ALA A 44 27.25 22.09 10.28
N GLU A 45 27.41 21.01 11.05
CA GLU A 45 28.44 20.88 12.11
C GLU A 45 29.82 20.63 11.50
N LYS A 46 29.86 19.99 10.35
CA LYS A 46 31.10 19.47 9.71
C LYS A 46 31.63 20.48 8.69
N GLN A 47 30.72 21.26 8.10
CA GLN A 47 30.95 21.95 6.83
C GLN A 47 30.20 23.27 6.88
N ASN A 48 30.84 24.31 6.38
CA ASN A 48 30.41 25.71 6.50
C ASN A 48 29.20 25.91 5.61
N LEU A 49 28.01 26.05 6.22
CA LEU A 49 26.74 26.37 5.53
C LEU A 49 26.33 27.80 5.88
N GLU A 50 27.19 28.53 6.60
CA GLU A 50 26.92 29.93 6.98
C GLU A 50 27.11 30.82 5.74
N LYS A 51 26.41 31.94 5.70
CA LYS A 51 26.65 33.06 4.74
C LYS A 51 26.27 32.65 3.33
N ARG A 52 25.36 31.67 3.19
CA ARG A 52 24.75 31.32 1.87
C ARG A 52 23.57 32.25 1.62
N LYS A 53 23.47 32.80 0.42
CA LYS A 53 22.31 33.64 0.02
C LYS A 53 21.11 32.71 -0.13
N ARG A 54 19.98 33.09 0.47
CA ARG A 54 18.69 32.39 0.30
C ARG A 54 18.22 32.64 -1.11
N LYS A 55 18.03 31.58 -1.87
CA LYS A 55 17.59 31.68 -3.28
C LYS A 55 16.08 31.43 -3.32
N LYS A 56 15.40 32.17 -4.20
CA LYS A 56 14.03 31.86 -4.68
C LYS A 56 14.15 30.84 -5.80
N VAL A 57 13.63 29.64 -5.57
CA VAL A 57 13.79 28.46 -6.47
C VAL A 57 12.43 28.09 -7.04
N LEU A 58 12.33 28.02 -8.37
CA LEU A 58 11.15 27.41 -9.04
C LEU A 58 11.42 25.92 -9.18
N VAL A 59 10.51 25.11 -8.66
CA VAL A 59 10.48 23.62 -8.86
C VAL A 59 9.23 23.31 -9.68
N HIS A 60 9.40 23.02 -10.97
CA HIS A 60 8.30 22.75 -11.91
C HIS A 60 8.26 21.27 -12.25
N LEU A 61 7.28 20.56 -11.69
CA LEU A 61 7.09 19.11 -11.90
C LEU A 61 6.20 18.90 -13.11
N GLY A 62 6.76 19.02 -14.30
CA GLY A 62 6.07 18.82 -15.59
C GLY A 62 5.38 17.47 -15.63
N LEU A 63 5.94 16.43 -15.02
CA LEU A 63 5.40 15.05 -15.11
C LEU A 63 4.05 14.96 -14.39
N LEU A 64 3.74 15.93 -13.51
CA LEU A 64 2.49 15.97 -12.67
C LEU A 64 1.48 16.95 -13.26
N THR A 65 1.80 17.67 -14.33
CA THR A 65 0.81 18.58 -15.00
C THR A 65 -0.27 17.73 -15.68
N LYS A 66 -1.52 18.21 -15.72
CA LYS A 66 -2.60 17.57 -16.51
C LYS A 66 -2.18 17.52 -17.98
N GLU A 67 -1.66 18.65 -18.48
CA GLU A 67 -1.25 18.89 -19.90
C GLU A 67 -0.27 17.81 -20.36
N SER A 68 0.65 17.36 -19.49
CA SER A 68 1.63 16.26 -19.76
C SER A 68 0.88 14.96 -20.09
N GLY A 69 -0.27 14.75 -19.43
CA GLY A 69 -1.05 13.48 -19.39
C GLY A 69 -0.22 12.21 -19.16
N PHE A 70 0.40 12.03 -17.98
CA PHE A 70 1.23 10.86 -17.65
C PHE A 70 0.54 9.97 -16.61
N LYS A 71 -0.38 10.53 -15.82
CA LYS A 71 -1.12 9.81 -14.75
C LYS A 71 -0.13 9.14 -13.78
N ILE A 72 0.95 9.83 -13.41
CA ILE A 72 1.98 9.24 -12.52
C ILE A 72 1.48 9.24 -11.07
N ALA A 73 0.67 10.23 -10.67
CA ALA A 73 0.04 10.30 -9.32
C ALA A 73 -1.02 9.20 -9.22
N GLU A 74 -1.66 8.91 -10.36
CA GLU A 74 -2.83 8.01 -10.49
C GLU A 74 -2.34 6.57 -10.27
N THR A 75 -1.10 6.25 -10.69
CA THR A 75 -0.51 4.88 -10.60
C THR A 75 0.52 4.80 -9.45
N ALA A 76 0.79 5.88 -8.72
CA ALA A 76 1.85 5.98 -7.69
C ALA A 76 1.62 4.89 -6.64
N PHE A 77 0.36 4.59 -6.32
CA PHE A 77 0.06 3.61 -5.24
C PHE A 77 -0.31 2.24 -5.82
N SER A 78 -0.39 2.08 -7.14
CA SER A 78 -0.83 0.83 -7.79
C SER A 78 0.28 0.24 -8.68
N GLY A 79 1.55 0.47 -8.35
CA GLY A 79 2.69 -0.22 -9.00
C GLY A 79 3.17 0.47 -10.26
N GLY A 80 2.78 1.73 -10.45
CA GLY A 80 3.25 2.55 -11.58
C GLY A 80 4.68 3.04 -11.30
N PRO A 81 5.30 3.80 -12.25
CA PRO A 81 6.67 4.29 -12.08
C PRO A 81 6.82 5.32 -10.95
N LEU A 82 7.83 5.13 -10.12
CA LEU A 82 8.11 5.99 -8.94
C LEU A 82 9.52 6.57 -9.02
N GLY A 83 10.40 6.11 -9.92
CA GLY A 83 11.79 6.60 -9.93
C GLY A 83 11.87 8.13 -9.91
N GLU A 84 11.09 8.77 -10.78
CA GLU A 84 11.16 10.24 -10.94
C GLU A 84 10.58 10.91 -9.69
N LEU A 85 9.55 10.33 -9.07
CA LEU A 85 8.96 10.94 -7.84
C LEU A 85 9.93 10.79 -6.64
N VAL A 86 10.64 9.69 -6.55
CA VAL A 86 11.72 9.52 -5.54
C VAL A 86 12.68 10.72 -5.64
N GLN A 87 13.25 10.93 -6.81
CA GLN A 87 14.22 12.02 -7.00
C GLN A 87 13.60 13.38 -6.71
N TRP A 88 12.39 13.65 -7.20
CA TRP A 88 11.75 14.96 -6.97
C TRP A 88 11.54 15.16 -5.47
N SER A 89 11.12 14.11 -4.75
CA SER A 89 10.88 14.20 -3.29
C SER A 89 12.16 14.64 -2.60
N ASP A 90 13.27 14.04 -2.99
CA ASP A 90 14.56 14.21 -2.30
C ASP A 90 15.18 15.56 -2.68
N LEU A 91 14.92 16.04 -3.90
CA LEU A 91 15.38 17.38 -4.33
C LEU A 91 14.64 18.45 -3.53
N ILE A 92 13.32 18.36 -3.50
CA ILE A 92 12.50 19.36 -2.78
C ILE A 92 12.93 19.39 -1.30
N THR A 93 13.10 18.22 -0.69
CA THR A 93 13.45 18.13 0.75
C THR A 93 14.82 18.79 0.98
N SER A 94 15.79 18.47 0.12
CA SER A 94 17.16 19.03 0.22
C SER A 94 17.10 20.56 0.14
N LEU A 95 16.35 21.09 -0.82
CA LEU A 95 16.29 22.57 -1.03
C LEU A 95 15.68 23.19 0.21
N TYR A 96 14.66 22.53 0.76
CA TYR A 96 13.90 23.03 1.94
C TYR A 96 14.82 23.02 3.17
N LEU A 97 15.51 21.91 3.44
CA LEU A 97 16.39 21.81 4.62
C LEU A 97 17.53 22.83 4.50
N LEU A 98 18.02 23.12 3.30
CA LEU A 98 19.18 24.06 3.12
C LEU A 98 18.71 25.50 3.31
N GLY A 99 17.38 25.69 3.43
CA GLY A 99 16.76 26.97 3.82
C GLY A 99 16.40 27.84 2.64
N HIS A 100 16.36 27.28 1.43
CA HIS A 100 15.96 28.07 0.24
C HIS A 100 14.46 28.29 0.23
N ASP A 101 14.05 29.26 -0.57
CA ASP A 101 12.65 29.71 -0.72
C ASP A 101 12.04 29.00 -1.93
N ILE A 102 11.50 27.79 -1.71
CA ILE A 102 10.97 26.89 -2.77
C ILE A 102 9.58 27.34 -3.15
N ARG A 103 9.33 27.44 -4.45
CA ARG A 103 8.00 27.68 -5.04
C ARG A 103 7.66 26.49 -5.93
N ILE A 104 6.78 25.61 -5.46
CA ILE A 104 6.48 24.32 -6.15
C ILE A 104 5.35 24.58 -7.14
N SER A 105 5.54 24.14 -8.38
CA SER A 105 4.54 24.26 -9.46
C SER A 105 4.27 22.88 -10.06
N ALA A 106 3.00 22.53 -10.27
CA ALA A 106 2.61 21.33 -11.03
C ALA A 106 1.50 21.69 -12.01
N SER A 107 1.49 22.95 -12.48
CA SER A 107 0.51 23.50 -13.45
C SER A 107 1.14 24.65 -14.23
N LEU A 108 0.64 24.91 -15.45
CA LEU A 108 1.10 26.05 -16.30
C LEU A 108 0.76 27.37 -15.59
N ALA A 109 -0.40 27.42 -14.94
CA ALA A 109 -0.87 28.59 -14.16
C ALA A 109 0.19 28.97 -13.11
N GLU A 110 0.62 28.00 -12.31
CA GLU A 110 1.61 28.24 -11.22
C GLU A 110 2.94 28.66 -11.85
N LEU A 111 3.39 27.91 -12.86
CA LEU A 111 4.66 28.16 -13.59
C LEU A 111 4.70 29.66 -13.95
N LYS A 112 3.63 30.17 -14.57
CA LYS A 112 3.53 31.55 -15.12
C LYS A 112 3.52 32.58 -14.00
N GLU A 113 2.75 32.31 -12.94
CA GLU A 113 2.61 33.19 -11.75
C GLU A 113 3.97 33.32 -11.06
N ILE A 114 4.66 32.21 -10.80
CA ILE A 114 5.93 32.20 -10.03
C ILE A 114 6.98 33.00 -10.80
N MET A 115 7.07 32.73 -12.10
CA MET A 115 8.06 33.38 -13.01
C MET A 115 7.68 34.86 -13.16
N GLY A 116 6.38 35.15 -13.23
CA GLY A 116 5.82 36.52 -13.24
C GLY A 116 6.25 37.30 -12.01
N GLY A 117 6.24 36.66 -10.83
CA GLY A 117 6.57 37.27 -9.53
C GLY A 117 8.01 37.74 -9.42
N GLY A 118 8.87 37.39 -10.39
CA GLY A 118 10.29 37.81 -10.46
C GLY A 118 11.09 37.28 -9.29
N GLY A 119 12.39 37.59 -9.24
CA GLY A 119 13.29 37.19 -8.13
C GLY A 119 13.69 35.72 -8.19
N VAL A 120 13.20 34.94 -9.15
CA VAL A 120 13.61 33.53 -9.37
C VAL A 120 15.08 33.52 -9.73
N GLU A 121 15.89 32.73 -9.01
CA GLU A 121 17.37 32.68 -9.16
C GLU A 121 17.79 31.29 -9.66
N LEU A 122 16.88 30.33 -9.64
CA LEU A 122 17.20 28.91 -9.87
C LEU A 122 15.91 28.18 -10.21
N ILE A 123 16.00 27.28 -11.19
CA ILE A 123 14.82 26.59 -11.76
C ILE A 123 15.16 25.11 -11.91
N TYR A 124 14.45 24.27 -11.15
CA TYR A 124 14.52 22.79 -11.30
C TYR A 124 13.30 22.34 -12.06
N ILE A 125 13.51 21.59 -13.13
CA ILE A 125 12.43 21.28 -14.10
C ILE A 125 12.73 19.96 -14.75
N ASP A 126 11.72 19.28 -15.27
CA ASP A 126 11.96 18.07 -16.07
C ASP A 126 11.84 18.37 -17.57
N ILE A 127 12.04 17.36 -18.42
CA ILE A 127 12.08 17.53 -19.89
C ILE A 127 10.69 17.95 -20.39
N VAL A 128 9.63 17.32 -19.89
CA VAL A 128 8.23 17.69 -20.27
C VAL A 128 8.00 19.14 -19.82
N GLY A 129 8.44 19.44 -18.60
CA GLY A 129 8.28 20.76 -17.99
C GLY A 129 9.02 21.82 -18.80
N LEU A 130 10.18 21.50 -19.37
CA LEU A 130 11.03 22.45 -20.13
C LEU A 130 10.27 22.94 -21.37
N ALA A 131 9.60 22.04 -22.09
CA ALA A 131 8.74 22.41 -23.25
C ALA A 131 7.66 23.40 -22.78
N GLN A 132 7.10 23.13 -21.60
CA GLN A 132 6.01 23.97 -21.04
C GLN A 132 6.55 25.35 -20.67
N PHE A 133 7.77 25.40 -20.16
CA PHE A 133 8.45 26.65 -19.76
C PHE A 133 8.59 27.56 -20.99
N LYS A 134 9.17 27.00 -22.05
CA LYS A 134 9.40 27.72 -23.32
C LYS A 134 8.06 28.23 -23.87
N LYS A 135 7.00 27.41 -23.84
CA LYS A 135 5.68 27.78 -24.42
C LYS A 135 5.03 28.86 -23.55
N THR A 136 5.01 28.69 -22.23
CA THR A 136 4.33 29.61 -21.27
C THR A 136 5.02 30.99 -21.28
N LEU A 137 6.36 31.04 -21.25
CA LEU A 137 7.09 32.33 -21.12
C LEU A 137 7.26 33.05 -22.48
N GLY A 138 7.30 32.28 -23.57
CA GLY A 138 7.53 32.79 -24.93
C GLY A 138 9.02 33.04 -25.15
N PRO A 139 9.43 33.90 -26.11
CA PRO A 139 10.85 34.03 -26.46
C PRO A 139 11.82 34.38 -25.33
N SER A 140 11.37 35.09 -24.30
CA SER A 140 12.24 35.51 -23.17
C SER A 140 12.51 34.33 -22.22
N TRP A 141 11.97 33.14 -22.51
CA TRP A 141 12.35 31.92 -21.74
C TRP A 141 13.87 31.79 -21.78
N VAL A 142 14.52 32.16 -22.89
CA VAL A 142 16.00 32.05 -23.02
C VAL A 142 16.67 32.96 -21.98
N HIS A 143 16.02 34.03 -21.51
CA HIS A 143 16.59 34.92 -20.48
C HIS A 143 16.92 34.15 -19.21
N TYR A 144 16.29 33.00 -19.01
CA TYR A 144 16.37 32.21 -17.74
C TYR A 144 17.12 30.91 -17.97
N GLN A 145 17.61 30.67 -19.19
CA GLN A 145 18.12 29.33 -19.60
C GLN A 145 19.32 28.99 -18.72
N CYS A 146 20.12 29.96 -18.27
CA CYS A 146 21.35 29.66 -17.48
C CYS A 146 20.96 29.20 -16.06
N MET A 147 19.73 29.48 -15.61
CA MET A 147 19.24 29.15 -14.23
C MET A 147 18.53 27.78 -14.24
N LEU A 148 18.38 27.17 -15.41
CA LEU A 148 17.70 25.85 -15.56
C LEU A 148 18.61 24.73 -15.07
N ARG A 149 18.02 23.80 -14.33
CA ARG A 149 18.63 22.51 -13.93
C ARG A 149 17.62 21.44 -14.31
N VAL A 150 17.97 20.62 -15.30
CA VAL A 150 16.96 19.81 -16.03
C VAL A 150 17.14 18.36 -15.57
N LEU A 151 16.15 17.91 -14.78
CA LEU A 151 16.09 16.52 -14.28
C LEU A 151 15.76 15.62 -15.46
N ASP A 152 16.72 14.77 -15.76
CA ASP A 152 16.83 14.00 -17.00
C ASP A 152 17.51 12.69 -16.66
N SER A 153 16.72 11.70 -16.24
CA SER A 153 17.22 10.48 -15.57
C SER A 153 18.35 9.86 -16.39
N PHE A 154 18.10 9.58 -17.68
CA PHE A 154 19.04 8.73 -18.47
C PHE A 154 20.16 9.57 -19.11
N GLY A 155 20.09 10.89 -19.05
CA GLY A 155 21.16 11.78 -19.55
C GLY A 155 20.98 12.16 -21.01
N THR A 156 21.58 13.28 -21.40
CA THR A 156 21.54 13.87 -22.75
C THR A 156 22.98 14.14 -23.17
N GLU A 157 23.44 13.47 -24.23
CA GLU A 157 24.84 13.64 -24.70
C GLU A 157 24.96 14.85 -25.61
N PRO A 158 26.13 15.53 -25.63
CA PRO A 158 26.31 16.75 -26.41
C PRO A 158 25.82 16.65 -27.88
N GLU A 159 25.99 15.51 -28.53
CA GLU A 159 25.67 15.34 -29.98
C GLU A 159 24.16 15.45 -30.22
N PHE A 160 23.36 15.15 -29.21
CA PHE A 160 21.86 15.22 -29.27
C PHE A 160 21.35 16.57 -28.80
N ASN A 161 22.08 17.19 -27.88
CA ASN A 161 21.70 18.51 -27.28
C ASN A 161 21.83 19.62 -28.34
N HIS A 162 22.83 19.49 -29.19
CA HIS A 162 23.17 20.48 -30.24
C HIS A 162 22.20 20.22 -31.38
N ALA A 163 21.13 21.00 -31.50
CA ALA A 163 20.04 20.71 -32.46
C ALA A 163 20.60 20.57 -33.88
N ASN A 164 21.47 21.49 -34.31
CA ASN A 164 21.91 21.55 -35.74
C ASN A 164 22.85 20.37 -36.01
N TYR A 165 23.67 19.97 -35.05
CA TYR A 165 24.65 18.86 -35.20
C TYR A 165 23.89 17.53 -35.23
N ALA A 166 22.91 17.38 -34.33
CA ALA A 166 22.07 16.17 -34.23
C ALA A 166 21.43 15.96 -35.61
N GLN A 167 20.89 17.01 -36.22
CA GLN A 167 20.25 16.96 -37.56
C GLN A 167 21.29 16.55 -38.60
N SER A 168 22.47 17.17 -38.57
CA SER A 168 23.61 16.89 -39.48
C SER A 168 24.02 15.42 -39.35
N LYS A 169 23.84 14.78 -38.20
CA LYS A 169 24.30 13.38 -37.95
C LYS A 169 23.15 12.40 -38.19
N GLY A 170 22.00 12.90 -38.62
CA GLY A 170 20.81 12.10 -39.01
C GLY A 170 20.07 11.51 -37.82
N HIS A 171 20.26 12.05 -36.62
CA HIS A 171 19.49 11.65 -35.42
C HIS A 171 18.06 12.11 -35.64
N LYS A 172 17.09 11.20 -35.52
CA LYS A 172 15.68 11.50 -35.88
C LYS A 172 14.84 11.61 -34.60
N THR A 173 15.46 11.50 -33.43
CA THR A 173 14.78 11.58 -32.12
C THR A 173 14.08 12.92 -31.95
N PRO A 174 12.90 12.97 -31.27
CA PRO A 174 12.28 14.24 -30.88
C PRO A 174 12.99 14.91 -29.69
N TRP A 175 13.80 14.13 -28.97
CA TRP A 175 14.42 14.54 -27.69
C TRP A 175 15.75 15.24 -27.98
N GLY A 176 16.33 15.86 -26.97
CA GLY A 176 17.51 16.72 -27.13
C GLY A 176 17.14 18.05 -27.73
N LYS A 177 18.11 18.65 -28.42
CA LYS A 177 17.95 19.88 -29.24
C LYS A 177 17.67 21.12 -28.39
N TRP A 178 17.93 21.11 -27.10
CA TRP A 178 17.71 22.30 -26.23
C TRP A 178 18.88 23.29 -26.32
N ASN A 179 20.03 22.88 -26.87
CA ASN A 179 21.22 23.74 -26.98
C ASN A 179 21.61 24.30 -25.62
N LEU A 180 21.44 23.52 -24.54
CA LEU A 180 21.80 23.95 -23.17
C LEU A 180 23.29 23.72 -22.98
N ASN A 181 23.85 24.21 -21.89
CA ASN A 181 25.16 23.67 -21.44
C ASN A 181 24.84 22.27 -20.95
N PRO A 182 25.41 21.15 -21.46
CA PRO A 182 24.93 19.83 -21.03
C PRO A 182 25.10 19.51 -19.54
N GLN A 183 25.90 20.30 -18.80
CA GLN A 183 26.06 20.11 -17.34
C GLN A 183 24.76 20.55 -16.64
N GLN A 184 23.88 21.24 -17.35
CA GLN A 184 22.55 21.66 -16.84
C GLN A 184 21.56 20.48 -16.78
N PHE A 185 21.88 19.33 -17.37
CA PHE A 185 21.08 18.07 -17.27
C PHE A 185 21.53 17.32 -16.02
N TYR A 186 20.55 16.95 -15.19
CA TYR A 186 20.71 16.36 -13.83
C TYR A 186 20.24 14.90 -13.88
N THR A 187 21.16 13.95 -13.79
CA THR A 187 20.89 12.52 -14.04
C THR A 187 20.61 11.77 -12.74
N MET A 188 20.11 10.55 -12.88
CA MET A 188 19.65 9.73 -11.75
C MET A 188 20.87 9.04 -11.11
N PHE A 189 21.82 8.67 -11.96
CA PHE A 189 23.06 7.94 -11.62
C PHE A 189 24.18 8.63 -12.36
N PRO A 190 25.44 8.48 -11.89
CA PRO A 190 26.56 9.22 -12.48
C PRO A 190 27.11 8.48 -13.69
N HIS A 191 26.28 8.33 -14.72
CA HIS A 191 26.62 7.52 -15.92
C HIS A 191 27.04 8.42 -17.08
N THR A 192 26.77 9.71 -17.01
CA THR A 192 26.94 10.66 -18.14
C THR A 192 27.71 11.87 -17.66
N PRO A 193 29.07 11.84 -17.70
CA PRO A 193 29.88 12.94 -17.18
C PRO A 193 29.77 14.28 -17.94
N ASP A 194 29.14 14.25 -19.12
CA ASP A 194 28.74 15.46 -19.89
C ASP A 194 27.65 16.17 -19.09
N ASN A 195 26.98 15.41 -18.23
CA ASN A 195 25.82 15.93 -17.45
C ASN A 195 26.24 16.01 -15.98
N SER A 196 25.41 16.60 -15.14
CA SER A 196 25.60 16.57 -13.65
C SER A 196 24.80 15.40 -13.06
N PHE A 197 25.39 14.69 -12.10
CA PHE A 197 24.73 13.66 -11.30
C PHE A 197 23.91 14.30 -10.17
N LEU A 198 22.58 14.24 -10.25
CA LEU A 198 21.72 14.62 -9.09
C LEU A 198 21.45 13.46 -8.12
N GLY A 199 20.94 12.33 -8.62
CA GLY A 199 20.66 11.17 -7.76
C GLY A 199 19.47 11.43 -6.87
N PHE A 200 19.46 10.82 -5.69
CA PHE A 200 18.33 10.77 -4.74
C PHE A 200 18.89 10.15 -3.46
N VAL A 201 18.06 9.92 -2.48
CA VAL A 201 18.44 9.20 -1.24
C VAL A 201 17.82 7.79 -1.23
N VAL A 202 18.62 6.81 -0.84
CA VAL A 202 18.17 5.41 -0.64
C VAL A 202 17.46 5.30 0.72
N GLU A 203 16.16 5.07 0.69
CA GLU A 203 15.36 4.83 1.92
C GLU A 203 15.75 3.48 2.54
N GLN A 204 16.06 3.50 3.85
CA GLN A 204 16.13 2.27 4.70
C GLN A 204 15.80 2.66 6.14
N HIS A 205 15.39 1.68 6.96
CA HIS A 205 14.87 1.91 8.33
C HIS A 205 15.49 0.88 9.28
N LEU A 206 16.76 0.56 9.08
CA LEU A 206 17.54 -0.29 10.01
C LEU A 206 18.18 0.62 11.07
N ASN A 207 17.74 0.51 12.34
CA ASN A 207 18.42 1.18 13.49
C ASN A 207 19.70 0.39 13.77
N SER A 208 20.55 0.87 14.69
CA SER A 208 21.92 0.34 14.95
C SER A 208 21.86 -1.16 15.33
N SER A 209 20.81 -1.56 16.06
CA SER A 209 20.61 -2.95 16.58
C SER A 209 20.13 -3.90 15.48
N ASP A 210 19.29 -3.42 14.55
CA ASP A 210 18.89 -4.13 13.31
C ASP A 210 20.16 -4.52 12.54
N ILE A 211 21.00 -3.53 12.19
CA ILE A 211 22.25 -3.66 11.39
C ILE A 211 23.15 -4.75 12.00
N HIS A 212 23.22 -4.80 13.33
CA HIS A 212 24.10 -5.72 14.11
C HIS A 212 23.54 -7.14 14.05
N HIS A 213 22.25 -7.30 14.33
CA HIS A 213 21.55 -8.62 14.42
C HIS A 213 20.76 -8.87 13.12
N ILE A 214 21.35 -8.43 11.99
CA ILE A 214 20.77 -8.55 10.61
C ILE A 214 20.80 -10.02 10.19
N ASN A 215 21.80 -10.78 10.65
CA ASN A 215 21.96 -12.23 10.35
C ASN A 215 20.78 -12.99 10.97
N GLU A 216 20.25 -12.50 12.09
CA GLU A 216 19.13 -13.10 12.85
C GLU A 216 17.78 -12.60 12.32
N ILE A 217 17.73 -11.38 11.77
CA ILE A 217 16.50 -10.77 11.19
C ILE A 217 16.16 -11.46 9.86
N LYS A 218 17.18 -11.75 9.03
CA LYS A 218 16.98 -12.18 7.62
C LYS A 218 16.66 -13.67 7.55
N ARG A 219 15.66 -14.02 6.75
CA ARG A 219 15.39 -15.40 6.31
C ARG A 219 16.42 -15.73 5.23
N GLN A 220 17.39 -16.59 5.56
CA GLN A 220 18.63 -16.83 4.77
C GLN A 220 18.27 -17.37 3.38
N ASN A 221 17.10 -18.00 3.21
CA ASN A 221 16.69 -18.57 1.90
C ASN A 221 15.45 -17.84 1.34
N GLN A 222 15.25 -16.57 1.70
CA GLN A 222 14.20 -15.70 1.11
C GLN A 222 14.81 -14.85 0.00
N SER A 223 14.32 -15.03 -1.22
CA SER A 223 14.66 -14.18 -2.38
C SER A 223 13.41 -13.41 -2.80
N LEU A 224 13.61 -12.20 -3.30
CA LEU A 224 12.53 -11.32 -3.78
C LEU A 224 12.89 -10.88 -5.18
N VAL A 225 11.97 -11.07 -6.11
CA VAL A 225 12.16 -10.63 -7.51
C VAL A 225 11.87 -9.13 -7.62
N TYR A 226 12.75 -8.45 -8.34
CA TYR A 226 12.61 -7.04 -8.79
C TYR A 226 11.80 -7.10 -10.08
N GLY A 227 10.58 -6.61 -10.06
CA GLY A 227 9.73 -6.61 -11.26
C GLY A 227 8.27 -6.54 -10.86
N LYS A 228 7.72 -5.34 -10.83
CA LYS A 228 6.36 -5.14 -10.28
C LYS A 228 5.33 -5.25 -11.39
N VAL A 229 5.77 -5.49 -12.65
CA VAL A 229 4.91 -5.66 -13.87
C VAL A 229 5.13 -7.08 -14.43
N ASP A 230 4.05 -7.80 -14.69
CA ASP A 230 4.02 -9.22 -15.14
C ASP A 230 4.87 -9.43 -16.41
N SER A 231 4.84 -8.49 -17.36
CA SER A 231 5.56 -8.58 -18.65
C SER A 231 7.06 -8.74 -18.39
N PHE A 232 7.58 -8.13 -17.31
CA PHE A 232 9.04 -8.14 -16.99
C PHE A 232 9.52 -9.58 -16.82
N TRP A 233 8.60 -10.51 -16.49
CA TRP A 233 8.91 -11.92 -16.10
C TRP A 233 9.01 -12.83 -17.33
N LYS A 234 8.71 -12.33 -18.53
CA LYS A 234 8.74 -13.12 -19.78
C LYS A 234 10.09 -13.81 -19.95
N ASN A 235 10.10 -15.15 -20.15
CA ASN A 235 11.29 -15.95 -20.55
C ASN A 235 12.33 -16.01 -19.43
N LYS A 236 11.90 -15.95 -18.16
CA LYS A 236 12.80 -15.94 -16.98
C LYS A 236 12.65 -17.25 -16.20
N LYS A 237 11.90 -18.23 -16.73
CA LYS A 237 11.49 -19.43 -15.95
C LYS A 237 12.74 -20.22 -15.56
N ILE A 238 13.68 -20.45 -16.49
CA ILE A 238 14.89 -21.29 -16.22
C ILE A 238 15.75 -20.62 -15.15
N TYR A 239 15.95 -19.31 -15.29
CA TYR A 239 16.67 -18.45 -14.30
C TYR A 239 16.05 -18.60 -12.92
N LEU A 240 14.73 -18.37 -12.83
CA LEU A 240 14.01 -18.40 -11.52
C LEU A 240 14.01 -19.82 -10.93
N ASP A 241 13.96 -20.86 -11.78
CA ASP A 241 13.99 -22.27 -11.36
C ASP A 241 15.33 -22.55 -10.69
N ILE A 242 16.43 -22.01 -11.23
CA ILE A 242 17.77 -22.17 -10.61
C ILE A 242 17.76 -21.54 -9.22
N ILE A 243 17.19 -20.36 -9.07
CA ILE A 243 17.13 -19.67 -7.77
C ILE A 243 16.18 -20.43 -6.83
N HIS A 244 15.06 -20.93 -7.35
CA HIS A 244 14.05 -21.67 -6.56
C HIS A 244 14.64 -22.97 -5.97
N THR A 245 15.67 -23.53 -6.62
CA THR A 245 16.43 -24.72 -6.15
C THR A 245 16.92 -24.49 -4.72
N TYR A 246 17.35 -23.25 -4.43
CA TYR A 246 18.04 -22.89 -3.16
C TYR A 246 17.19 -22.01 -2.25
N MET A 247 16.22 -21.28 -2.80
CA MET A 247 15.55 -20.19 -2.05
C MET A 247 14.07 -20.14 -2.39
N GLU A 248 13.27 -19.70 -1.44
CA GLU A 248 11.88 -19.24 -1.70
C GLU A 248 12.00 -18.08 -2.68
N VAL A 249 11.04 -17.95 -3.58
CA VAL A 249 10.98 -16.84 -4.56
C VAL A 249 9.71 -16.04 -4.26
N HIS A 250 9.92 -14.84 -3.72
CA HIS A 250 8.85 -13.86 -3.39
C HIS A 250 8.78 -12.85 -4.52
N ALA A 251 7.64 -12.17 -4.63
CA ALA A 251 7.35 -11.16 -5.66
C ALA A 251 6.46 -10.07 -5.06
N THR A 252 6.49 -8.92 -5.70
CA THR A 252 5.63 -7.74 -5.48
C THR A 252 5.11 -7.31 -6.84
N VAL A 253 4.17 -8.10 -7.42
CA VAL A 253 3.71 -7.90 -8.82
C VAL A 253 2.21 -7.61 -8.80
N TYR A 254 1.80 -6.67 -9.65
CA TYR A 254 0.39 -6.23 -9.87
C TYR A 254 -0.36 -7.22 -10.78
N GLY A 255 -1.66 -7.43 -10.54
CA GLY A 255 -2.61 -7.97 -11.54
C GLY A 255 -3.53 -9.05 -10.99
N THR A 258 -1.75 -13.66 -13.75
CA THR A 258 -0.38 -13.43 -14.28
C THR A 258 0.26 -14.79 -14.59
N LYS A 259 0.63 -15.02 -15.84
CA LYS A 259 1.02 -16.38 -16.34
C LYS A 259 2.51 -16.41 -16.72
N ASN A 260 3.24 -15.31 -16.56
CA ASN A 260 4.73 -15.30 -16.68
C ASN A 260 5.37 -15.72 -15.34
N ILE A 261 4.54 -15.85 -14.30
CA ILE A 261 4.97 -16.00 -12.88
C ILE A 261 4.77 -17.45 -12.48
N PRO A 262 5.86 -18.23 -12.27
CA PRO A 262 5.76 -19.61 -11.82
C PRO A 262 4.83 -19.76 -10.59
N SER A 263 4.18 -20.93 -10.50
CA SER A 263 3.20 -21.28 -9.44
C SER A 263 3.86 -21.18 -8.05
N TYR A 264 5.16 -21.46 -7.95
CA TYR A 264 5.89 -21.55 -6.65
C TYR A 264 6.16 -20.15 -6.05
N VAL A 265 5.97 -19.09 -6.83
CA VAL A 265 6.31 -17.69 -6.42
C VAL A 265 5.29 -17.21 -5.39
N LYS A 266 5.80 -16.65 -4.31
CA LYS A 266 4.98 -16.09 -3.20
C LYS A 266 4.79 -14.61 -3.47
N ASN A 267 3.64 -14.24 -4.06
CA ASN A 267 3.31 -12.82 -4.41
C ASN A 267 2.74 -12.12 -3.18
N HIS A 268 3.28 -10.95 -2.89
CA HIS A 268 2.82 -10.01 -1.83
C HIS A 268 1.96 -8.91 -2.46
N GLY A 269 1.90 -8.88 -3.78
CA GLY A 269 1.31 -7.79 -4.56
C GLY A 269 2.11 -6.52 -4.34
N ILE A 270 1.61 -5.40 -4.86
CA ILE A 270 2.28 -4.09 -4.67
C ILE A 270 2.17 -3.72 -3.20
N LEU A 271 3.31 -3.45 -2.56
CA LEU A 271 3.37 -3.08 -1.13
C LEU A 271 3.52 -1.57 -0.97
N SER A 272 2.94 -1.01 0.10
CA SER A 272 3.26 0.37 0.58
C SER A 272 4.77 0.42 0.87
N GLY A 273 5.34 1.63 0.85
CA GLY A 273 6.76 1.86 1.17
C GLY A 273 7.19 1.15 2.45
N ARG A 274 6.44 1.28 3.53
CA ARG A 274 6.85 0.73 4.84
C ARG A 274 6.89 -0.80 4.76
N ASP A 275 5.89 -1.40 4.14
CA ASP A 275 5.75 -2.88 4.08
C ASP A 275 6.82 -3.46 3.14
N LEU A 276 7.11 -2.78 2.04
CA LEU A 276 8.23 -3.15 1.13
C LEU A 276 9.54 -3.15 1.93
N GLN A 277 9.79 -2.09 2.68
CA GLN A 277 11.03 -1.94 3.47
C GLN A 277 11.12 -3.10 4.47
N PHE A 278 10.01 -3.47 5.13
CA PHE A 278 9.97 -4.60 6.07
C PHE A 278 10.34 -5.89 5.33
N LEU A 279 9.81 -6.07 4.13
CA LEU A 279 10.08 -7.26 3.29
C LEU A 279 11.57 -7.26 2.92
N LEU A 280 12.14 -6.14 2.51
CA LEU A 280 13.59 -6.09 2.15
C LEU A 280 14.46 -6.46 3.36
N ARG A 281 14.08 -5.98 4.53
CA ARG A 281 14.80 -6.24 5.81
C ARG A 281 14.91 -7.77 6.00
N GLU A 282 13.86 -8.54 5.68
CA GLU A 282 13.77 -10.03 5.81
C GLU A 282 14.51 -10.76 4.68
N THR A 283 14.78 -10.10 3.55
CA THR A 283 15.17 -10.78 2.29
C THR A 283 16.69 -10.92 2.20
N LYS A 284 17.14 -12.11 1.79
CA LYS A 284 18.59 -12.38 1.57
C LYS A 284 19.01 -11.91 0.16
N LEU A 285 18.18 -12.15 -0.86
CA LEU A 285 18.57 -11.95 -2.29
C LEU A 285 17.47 -11.18 -3.02
N PHE A 286 17.84 -10.10 -3.70
CA PHE A 286 16.96 -9.30 -4.58
C PHE A 286 17.36 -9.63 -6.01
N VAL A 287 16.39 -10.11 -6.79
CA VAL A 287 16.65 -10.75 -8.11
C VAL A 287 16.24 -9.81 -9.25
N GLY A 288 17.23 -9.32 -10.00
CA GLY A 288 17.02 -8.58 -11.25
C GLY A 288 16.54 -9.49 -12.34
N LEU A 289 15.57 -9.05 -13.15
CA LEU A 289 15.12 -9.82 -14.34
C LEU A 289 15.75 -9.26 -15.62
N GLY A 290 16.33 -8.06 -15.57
CA GLY A 290 16.91 -7.42 -16.78
C GLY A 290 16.28 -6.07 -17.07
N PHE A 291 15.10 -5.84 -16.51
CA PHE A 291 14.30 -4.62 -16.73
C PHE A 291 13.53 -4.42 -15.43
N PRO A 292 13.36 -3.19 -14.89
CA PRO A 292 13.79 -1.95 -15.55
C PRO A 292 15.27 -1.58 -15.32
N TYR A 293 15.76 -0.65 -16.15
CA TYR A 293 17.17 -0.17 -16.13
C TYR A 293 17.33 0.94 -15.08
N GLU A 294 18.39 0.86 -14.26
CA GLU A 294 18.92 2.00 -13.47
C GLU A 294 17.82 2.64 -12.63
N GLY A 295 17.13 1.81 -11.88
CA GLY A 295 16.10 2.26 -10.91
C GLY A 295 16.64 2.32 -9.49
N PRO A 296 15.88 2.93 -8.57
CA PRO A 296 16.27 3.01 -7.18
C PRO A 296 16.13 1.69 -6.40
N ALA A 297 15.30 0.74 -6.84
CA ALA A 297 14.86 -0.42 -6.01
C ALA A 297 16.07 -1.28 -5.59
N PRO A 298 17.01 -1.59 -6.51
CA PRO A 298 18.19 -2.36 -6.12
C PRO A 298 19.02 -1.73 -5.00
N LEU A 299 19.19 -0.41 -4.98
CA LEU A 299 19.94 0.32 -3.91
C LEU A 299 19.17 0.20 -2.58
N GLU A 300 17.84 0.23 -2.62
CA GLU A 300 17.01 -0.01 -1.42
C GLU A 300 17.30 -1.40 -0.86
N ALA A 301 17.39 -2.42 -1.73
CA ALA A 301 17.65 -3.81 -1.31
C ALA A 301 19.02 -3.86 -0.63
N ILE A 302 20.03 -3.27 -1.26
CA ILE A 302 21.43 -3.27 -0.78
C ILE A 302 21.52 -2.53 0.56
N ALA A 303 20.83 -1.41 0.70
CA ALA A 303 20.77 -0.64 1.96
C ALA A 303 20.21 -1.51 3.09
N ASN A 304 19.38 -2.50 2.77
CA ASN A 304 18.68 -3.37 3.76
C ASN A 304 19.45 -4.67 3.91
N GLY A 305 20.67 -4.74 3.35
CA GLY A 305 21.55 -5.93 3.53
C GLY A 305 21.23 -7.05 2.57
N CYS A 306 20.38 -6.82 1.57
CA CYS A 306 20.11 -7.83 0.52
C CYS A 306 21.29 -7.81 -0.47
N ALA A 307 21.66 -8.96 -1.01
CA ALA A 307 22.51 -9.07 -2.22
C ALA A 307 21.59 -8.77 -3.40
N PHE A 308 22.13 -8.14 -4.45
CA PHE A 308 21.43 -7.89 -5.73
C PHE A 308 22.03 -8.79 -6.81
N LEU A 309 21.20 -9.64 -7.38
CA LEU A 309 21.55 -10.43 -8.58
C LEU A 309 21.22 -9.56 -9.81
N ASN A 310 22.27 -9.07 -10.47
CA ASN A 310 22.28 -8.02 -11.51
C ASN A 310 22.54 -8.67 -12.88
N PRO A 311 21.51 -8.85 -13.74
CA PRO A 311 21.72 -9.39 -15.08
C PRO A 311 22.77 -8.61 -15.90
N LYS A 312 23.80 -9.33 -16.37
CA LYS A 312 24.88 -8.81 -17.23
C LYS A 312 24.39 -8.76 -18.69
N PHE A 313 24.74 -7.71 -19.43
CA PHE A 313 24.32 -7.51 -20.84
C PHE A 313 25.56 -7.57 -21.72
N ASN A 314 25.60 -8.64 -22.51
CA ASN A 314 26.68 -8.90 -23.50
C ASN A 314 26.00 -9.34 -24.79
N PRO A 315 25.83 -8.44 -25.80
CA PRO A 315 26.44 -7.12 -25.83
C PRO A 315 25.73 -6.13 -24.91
N PRO A 316 26.40 -5.01 -24.54
CA PRO A 316 25.77 -3.97 -23.74
C PRO A 316 24.52 -3.46 -24.47
N LYS A 317 23.51 -3.05 -23.72
CA LYS A 317 22.23 -2.60 -24.30
C LYS A 317 22.30 -1.09 -24.57
N SER A 318 21.75 -0.67 -25.70
CA SER A 318 21.79 0.74 -26.17
C SER A 318 20.74 0.89 -27.30
N SER A 319 20.70 2.06 -27.94
CA SER A 319 19.81 2.39 -29.10
C SER A 319 20.04 1.43 -30.26
N LYS A 320 21.24 0.86 -30.35
CA LYS A 320 21.67 0.01 -31.48
C LYS A 320 21.01 -1.38 -31.39
N ASN A 321 20.47 -1.78 -30.24
CA ASN A 321 19.96 -3.16 -30.10
C ASN A 321 18.74 -3.28 -29.20
N THR A 322 18.21 -2.19 -28.62
CA THR A 322 17.15 -2.23 -27.57
C THR A 322 16.09 -1.16 -27.84
N ASP A 323 14.84 -1.60 -28.04
CA ASP A 323 13.68 -0.74 -28.37
C ASP A 323 13.59 0.39 -27.35
N PHE A 324 13.76 0.07 -26.07
CA PHE A 324 13.63 1.06 -24.97
C PHE A 324 14.52 2.29 -25.22
N PHE A 325 15.69 2.14 -25.82
CA PHE A 325 16.74 3.16 -25.93
C PHE A 325 16.63 3.93 -27.25
N ILE A 326 15.82 3.46 -28.21
CA ILE A 326 15.71 4.13 -29.53
C ILE A 326 15.09 5.52 -29.30
N GLY A 327 15.69 6.59 -29.83
CA GLY A 327 15.14 7.95 -29.66
C GLY A 327 15.59 8.66 -28.38
N LYS A 328 16.11 7.94 -27.39
CA LYS A 328 16.78 8.60 -26.23
C LYS A 328 17.96 9.43 -26.75
N PRO A 329 18.17 10.65 -26.21
CA PRO A 329 19.21 11.57 -26.70
C PRO A 329 20.61 11.24 -26.17
N THR A 330 21.00 9.98 -26.33
CA THR A 330 22.27 9.39 -25.84
C THR A 330 22.58 8.14 -26.65
N LEU A 331 23.86 7.80 -26.82
CA LEU A 331 24.33 6.52 -27.39
C LEU A 331 24.95 5.66 -26.29
N ARG A 332 24.81 6.06 -25.02
CA ARG A 332 25.41 5.34 -23.87
C ARG A 332 24.94 3.87 -23.88
N GLU A 333 25.85 2.96 -23.55
CA GLU A 333 25.59 1.50 -23.46
C GLU A 333 25.55 1.06 -21.99
N LEU A 334 24.64 0.13 -21.68
CA LEU A 334 24.47 -0.46 -20.32
C LEU A 334 25.11 -1.83 -20.30
N THR A 335 26.05 -2.04 -19.40
CA THR A 335 26.77 -3.33 -19.27
C THR A 335 25.94 -4.28 -18.44
N SER A 336 24.88 -3.82 -17.75
CA SER A 336 24.03 -4.67 -16.90
C SER A 336 22.75 -3.89 -16.63
N GLN A 337 21.81 -4.52 -15.98
CA GLN A 337 20.54 -3.87 -15.59
C GLN A 337 20.82 -2.61 -14.76
N HIS A 338 21.82 -2.64 -13.88
CA HIS A 338 22.15 -1.54 -12.96
C HIS A 338 23.65 -1.32 -13.02
N PRO A 339 24.15 -0.53 -13.99
CA PRO A 339 25.60 -0.33 -14.10
C PRO A 339 26.23 0.32 -12.87
N TYR A 340 25.51 1.19 -12.16
CA TYR A 340 26.05 1.84 -10.95
C TYR A 340 26.34 0.76 -9.89
N ALA A 341 25.35 -0.10 -9.63
CA ALA A 341 25.43 -1.23 -8.67
C ALA A 341 26.60 -2.12 -9.07
N GLU A 342 26.74 -2.40 -10.37
CA GLU A 342 27.82 -3.27 -10.91
C GLU A 342 29.18 -2.66 -10.62
N VAL A 343 29.39 -1.40 -10.99
CA VAL A 343 30.75 -0.81 -11.07
C VAL A 343 31.11 -0.16 -9.74
N PHE A 344 30.19 0.58 -9.11
CA PHE A 344 30.49 1.41 -7.91
C PHE A 344 30.17 0.67 -6.61
N ILE A 345 29.47 -0.46 -6.67
CA ILE A 345 29.24 -1.30 -5.45
C ILE A 345 29.96 -2.64 -5.64
N GLY A 346 29.49 -3.48 -6.57
CA GLY A 346 30.12 -4.77 -6.88
C GLY A 346 29.96 -5.78 -5.74
N ARG A 347 30.70 -6.88 -5.80
CA ARG A 347 30.61 -7.94 -4.78
C ARG A 347 31.11 -7.39 -3.44
N PRO A 348 30.61 -7.90 -2.30
CA PRO A 348 29.68 -9.03 -2.25
C PRO A 348 28.19 -8.69 -2.41
N HIS A 349 27.88 -7.38 -2.43
CA HIS A 349 26.50 -6.83 -2.44
C HIS A 349 25.84 -7.05 -3.79
N VAL A 350 26.61 -6.99 -4.88
CA VAL A 350 26.11 -7.07 -6.27
C VAL A 350 26.89 -8.16 -7.01
N TRP A 351 26.16 -9.17 -7.46
CA TRP A 351 26.66 -10.21 -8.38
C TRP A 351 26.08 -9.94 -9.77
N THR A 352 26.97 -9.59 -10.68
CA THR A 352 26.60 -9.27 -12.09
C THR A 352 26.86 -10.55 -12.89
N VAL A 353 25.78 -11.23 -13.28
CA VAL A 353 25.82 -12.61 -13.88
C VAL A 353 25.08 -12.58 -15.21
N ASP A 354 25.57 -13.39 -16.15
CA ASP A 354 24.85 -13.76 -17.39
C ASP A 354 23.67 -14.66 -17.00
N LEU A 355 22.44 -14.16 -17.21
CA LEU A 355 21.16 -14.85 -16.90
C LEU A 355 21.08 -16.22 -17.59
N ASN A 356 21.69 -16.36 -18.78
CA ASN A 356 21.69 -17.56 -19.66
C ASN A 356 22.65 -18.62 -19.11
N ASN A 357 23.73 -18.19 -18.43
CA ASN A 357 24.80 -19.07 -17.91
C ASN A 357 24.34 -19.73 -16.61
N GLN A 358 23.69 -20.90 -16.70
CA GLN A 358 23.06 -21.59 -15.56
C GLN A 358 24.07 -21.86 -14.45
N GLU A 359 25.32 -22.18 -14.81
CA GLU A 359 26.34 -22.53 -13.79
C GLU A 359 26.73 -21.28 -13.01
N GLU A 360 26.95 -20.16 -13.70
CA GLU A 360 27.33 -18.84 -13.10
C GLU A 360 26.21 -18.35 -12.17
N VAL A 361 24.95 -18.51 -12.58
CA VAL A 361 23.77 -18.11 -11.76
C VAL A 361 23.77 -19.02 -10.52
N GLU A 362 23.94 -20.33 -10.71
CA GLU A 362 23.85 -21.31 -9.59
C GLU A 362 24.94 -21.00 -8.57
N ASP A 363 26.15 -20.66 -9.04
CA ASP A 363 27.32 -20.37 -8.18
C ASP A 363 27.09 -19.05 -7.43
N ALA A 364 26.56 -18.02 -8.10
CA ALA A 364 26.24 -16.72 -7.48
C ALA A 364 25.23 -16.93 -6.35
N VAL A 365 24.15 -17.69 -6.59
CA VAL A 365 23.07 -17.94 -5.60
C VAL A 365 23.67 -18.67 -4.40
N LYS A 366 24.48 -19.70 -4.66
CA LYS A 366 25.11 -20.55 -3.61
C LYS A 366 26.08 -19.67 -2.82
N ALA A 367 26.83 -18.79 -3.50
CA ALA A 367 27.80 -17.87 -2.87
C ALA A 367 27.03 -16.93 -1.94
N ILE A 368 25.92 -16.37 -2.44
CA ILE A 368 25.17 -15.30 -1.74
C ILE A 368 24.57 -15.91 -0.46
N LEU A 369 24.06 -17.14 -0.55
CA LEU A 369 23.54 -17.91 0.60
C LEU A 369 24.61 -18.03 1.69
N ASN A 370 25.86 -18.20 1.29
CA ASN A 370 27.02 -18.43 2.21
C ASN A 370 27.64 -17.09 2.65
N GLN A 371 27.16 -15.94 2.16
CA GLN A 371 27.71 -14.61 2.47
C GLN A 371 27.18 -14.04 3.79
N LYS A 372 28.03 -13.32 4.52
CA LYS A 372 27.65 -12.55 5.72
C LYS A 372 26.99 -11.24 5.27
N ILE A 373 25.84 -10.92 5.87
CA ILE A 373 25.01 -9.73 5.53
C ILE A 373 25.71 -8.48 6.07
N GLU A 374 25.99 -7.52 5.20
CA GLU A 374 26.47 -6.15 5.55
C GLU A 374 25.63 -5.11 4.82
N PRO A 375 24.65 -4.47 5.49
CA PRO A 375 23.89 -3.38 4.89
C PRO A 375 24.84 -2.27 4.43
N TYR A 376 24.67 -1.75 3.21
CA TYR A 376 25.61 -0.77 2.58
C TYR A 376 24.83 0.30 1.79
N MET A 377 25.19 1.58 1.96
CA MET A 377 24.72 2.69 1.09
C MET A 377 25.93 3.52 0.71
N PRO A 378 26.15 3.78 -0.59
CA PRO A 378 27.23 4.66 -1.00
C PRO A 378 26.87 6.03 -0.40
N TYR A 379 27.86 6.79 0.03
CA TYR A 379 27.68 8.09 0.71
C TYR A 379 26.85 9.03 -0.16
N GLU A 380 27.04 9.02 -1.47
CA GLU A 380 26.36 9.96 -2.39
C GLU A 380 24.84 9.71 -2.38
N PHE A 381 24.37 8.54 -1.96
CA PHE A 381 22.91 8.26 -1.88
C PHE A 381 22.37 8.27 -0.45
N THR A 382 23.09 8.88 0.49
CA THR A 382 22.63 9.11 1.87
C THR A 382 22.04 10.50 1.91
N CYS A 383 21.25 10.82 2.93
CA CYS A 383 20.69 12.18 3.13
C CYS A 383 21.84 13.21 3.16
N GLU A 384 22.89 12.95 3.94
CA GLU A 384 23.98 13.92 4.10
C GLU A 384 24.77 14.04 2.79
N GLY A 385 24.98 12.92 2.08
CA GLY A 385 25.63 12.91 0.75
C GLY A 385 24.90 13.78 -0.25
N MET A 386 23.58 13.63 -0.36
CA MET A 386 22.76 14.39 -1.33
C MET A 386 22.77 15.86 -0.91
N LEU A 387 22.60 16.14 0.39
CA LEU A 387 22.60 17.54 0.89
C LEU A 387 23.92 18.21 0.51
N GLN A 388 25.06 17.55 0.74
CA GLN A 388 26.39 18.09 0.38
C GLN A 388 26.48 18.34 -1.14
N ARG A 389 25.96 17.41 -1.95
CA ARG A 389 26.08 17.47 -3.43
C ARG A 389 25.25 18.64 -3.93
N ILE A 390 23.97 18.72 -3.53
CA ILE A 390 23.08 19.78 -4.10
C ILE A 390 23.46 21.15 -3.53
N ASN A 391 23.89 21.25 -2.27
CA ASN A 391 24.44 22.52 -1.72
C ASN A 391 25.62 22.98 -2.55
N ALA A 392 26.55 22.07 -2.92
CA ALA A 392 27.74 22.42 -3.72
C ALA A 392 27.30 22.96 -5.08
N PHE A 393 26.32 22.30 -5.70
CA PHE A 393 25.79 22.70 -7.02
C PHE A 393 25.15 24.07 -6.88
N ILE A 394 24.34 24.30 -5.85
CA ILE A 394 23.61 25.58 -5.71
C ILE A 394 24.61 26.72 -5.49
N GLU A 395 25.59 26.48 -4.62
CA GLU A 395 26.56 27.54 -4.20
C GLU A 395 27.59 27.76 -5.30
N LYS A 396 27.97 26.74 -6.06
CA LYS A 396 29.23 26.75 -6.85
C LYS A 396 28.97 26.69 -8.36
N GLN A 397 27.92 26.01 -8.79
CA GLN A 397 27.64 25.75 -10.22
C GLN A 397 26.93 26.94 -10.82
N ASP A 398 27.57 27.60 -11.77
CA ASP A 398 27.06 28.89 -12.30
C ASP A 398 27.23 28.88 -13.81
N PHE A 399 26.13 28.99 -14.55
CA PHE A 399 26.13 29.00 -16.03
C PHE A 399 25.85 30.43 -16.51
N CYS A 400 25.66 31.36 -15.55
CA CYS A 400 25.22 32.75 -15.77
C CYS A 400 26.43 33.71 -15.63
N HIS A 401 27.67 33.21 -15.59
CA HIS A 401 28.92 34.02 -15.68
C HIS A 401 28.99 35.06 -14.56
N GLY A 402 28.41 34.75 -13.38
CA GLY A 402 28.35 35.64 -12.21
C GLY A 402 29.39 35.31 -11.14
N GLN A 403 30.00 34.11 -11.19
CA GLN A 403 30.82 33.52 -10.09
C GLN A 403 32.20 33.11 -10.61
N VAL A 404 33.09 32.64 -9.71
CA VAL A 404 34.42 32.06 -10.06
C VAL A 404 34.21 30.73 -10.78
N MET A 405 35.23 30.30 -11.51
CA MET A 405 35.28 29.05 -12.31
C MET A 405 35.26 27.81 -11.40
N TRP A 406 34.44 26.82 -11.75
CA TRP A 406 34.13 25.64 -10.89
C TRP A 406 33.69 24.45 -11.73
N PRO A 407 34.33 23.27 -11.61
CA PRO A 407 35.43 23.07 -10.68
C PRO A 407 36.65 23.94 -10.97
N PRO A 408 37.53 24.10 -9.97
CA PRO A 408 38.71 24.95 -10.13
C PRO A 408 39.69 24.28 -11.10
N LEU A 409 40.40 25.10 -11.86
CA LEU A 409 41.42 24.64 -12.86
C LEU A 409 42.40 23.68 -12.20
N SER A 410 42.71 23.90 -10.92
CA SER A 410 43.61 23.06 -10.09
C SER A 410 43.29 21.56 -10.23
N ALA A 411 42.03 21.18 -10.49
CA ALA A 411 41.59 19.76 -10.48
C ALA A 411 41.82 19.08 -11.83
N LEU A 412 42.19 19.84 -12.87
CA LEU A 412 42.39 19.32 -14.24
C LEU A 412 43.56 18.34 -14.24
N GLN A 413 43.30 17.11 -14.68
CA GLN A 413 44.33 16.10 -15.05
C GLN A 413 44.06 15.67 -16.50
N VAL A 414 44.87 16.16 -17.42
CA VAL A 414 44.76 15.83 -18.88
C VAL A 414 45.17 14.37 -19.08
N LYS A 415 44.37 13.62 -19.82
CA LYS A 415 44.70 12.25 -20.30
C LYS A 415 44.47 12.19 -21.81
N LEU A 416 45.27 11.38 -22.50
CA LEU A 416 45.10 11.09 -23.94
C LEU A 416 44.40 9.75 -24.05
N ALA A 417 43.16 9.77 -24.55
CA ALA A 417 42.39 8.54 -24.86
C ALA A 417 43.00 7.94 -26.13
N GLU A 418 43.16 6.63 -26.16
CA GLU A 418 43.60 5.91 -27.38
C GLU A 418 42.49 6.02 -28.44
N PRO A 419 42.78 5.58 -29.68
CA PRO A 419 41.72 5.35 -30.66
C PRO A 419 40.74 4.31 -30.10
N GLY A 420 39.44 4.47 -30.38
CA GLY A 420 38.36 3.58 -29.92
C GLY A 420 38.06 3.74 -28.45
N GLN A 421 38.63 4.77 -27.82
CA GLN A 421 38.47 5.09 -26.37
C GLN A 421 37.93 6.51 -26.22
N SER A 422 36.83 6.68 -25.48
CA SER A 422 36.21 8.00 -25.17
C SER A 422 36.95 8.67 -24.02
N CYS A 423 36.72 9.97 -23.82
CA CYS A 423 37.23 10.74 -22.67
C CYS A 423 36.57 10.21 -21.40
N LYS A 424 35.30 9.77 -21.47
CA LYS A 424 34.62 9.13 -20.31
C LYS A 424 35.46 7.94 -19.83
N GLN A 425 35.87 7.08 -20.76
CA GLN A 425 36.55 5.79 -20.48
C GLN A 425 37.97 6.02 -19.95
N VAL A 426 38.73 6.92 -20.57
CA VAL A 426 40.17 7.09 -20.19
C VAL A 426 40.23 7.72 -18.80
N CYS A 427 39.32 8.64 -18.47
CA CYS A 427 39.28 9.25 -17.12
C CYS A 427 38.90 8.17 -16.12
N GLN A 428 37.91 7.32 -16.43
CA GLN A 428 37.38 6.28 -15.51
C GLN A 428 38.47 5.27 -15.14
N GLU A 429 39.22 4.76 -16.13
CA GLU A 429 40.22 3.69 -15.91
C GLU A 429 41.49 4.27 -15.26
N SER A 430 41.58 5.59 -15.07
CA SER A 430 42.57 6.27 -14.18
C SER A 430 41.95 6.57 -12.81
N GLN A 431 40.78 6.00 -12.51
CA GLN A 431 39.99 6.29 -11.28
C GLN A 431 39.76 7.80 -11.17
N LEU A 432 39.48 8.46 -12.30
CA LEU A 432 39.08 9.89 -12.37
C LEU A 432 37.71 9.95 -13.06
N ILE A 433 37.22 11.15 -13.36
CA ILE A 433 35.95 11.35 -14.12
C ILE A 433 36.16 12.53 -15.06
N CYS A 434 35.66 12.40 -16.28
CA CYS A 434 35.76 13.46 -17.30
C CYS A 434 35.08 14.72 -16.74
N GLU A 435 35.71 15.85 -16.93
CA GLU A 435 35.19 17.17 -16.50
C GLU A 435 35.05 18.09 -17.70
N PRO A 436 33.86 18.13 -18.32
CA PRO A 436 33.70 18.81 -19.59
C PRO A 436 33.92 20.32 -19.48
N SER A 437 33.84 20.92 -18.27
CA SER A 437 34.09 22.37 -18.10
C SER A 437 35.57 22.72 -18.38
N PHE A 438 36.43 21.72 -18.50
CA PHE A 438 37.89 21.92 -18.70
C PHE A 438 38.28 21.83 -20.17
N PHE A 439 37.38 21.42 -21.08
CA PHE A 439 37.72 21.28 -22.52
C PHE A 439 38.23 22.62 -23.06
N GLN A 440 37.67 23.74 -22.58
CA GLN A 440 37.98 25.12 -23.02
C GLN A 440 39.47 25.44 -22.84
N HIS A 441 40.18 24.72 -21.96
CA HIS A 441 41.63 24.89 -21.66
C HIS A 441 42.52 23.96 -22.48
N LEU A 442 41.95 23.11 -23.33
CA LEU A 442 42.70 22.08 -24.09
C LEU A 442 42.55 22.32 -25.59
N ASN A 443 42.25 23.54 -26.03
CA ASN A 443 41.68 23.76 -27.38
C ASN A 443 42.50 24.77 -28.21
N LYS A 444 43.83 24.75 -28.11
CA LYS A 444 44.75 25.51 -28.99
C LYS A 444 46.19 25.01 -28.82
N ASP A 445 47.09 25.44 -29.72
CA ASP A 445 48.48 24.91 -29.82
C ASP A 445 49.21 25.14 -28.50
N LYS A 446 49.21 26.39 -28.01
CA LYS A 446 49.98 26.83 -26.82
C LYS A 446 49.50 26.10 -25.56
N ASP A 447 48.21 25.74 -25.49
CA ASP A 447 47.61 24.97 -24.36
C ASP A 447 48.12 23.53 -24.40
N MET A 448 48.19 22.92 -25.59
CA MET A 448 48.58 21.48 -25.75
C MET A 448 50.02 21.25 -25.27
N LEU A 449 50.89 22.26 -25.35
CA LEU A 449 52.32 22.17 -24.93
C LEU A 449 52.39 21.84 -23.43
N LYS A 450 51.59 22.57 -22.61
CA LYS A 450 51.49 22.40 -21.14
C LYS A 450 51.32 20.91 -20.76
N TYR A 451 50.63 20.12 -21.60
CA TYR A 451 50.25 18.71 -21.31
C TYR A 451 51.06 17.77 -22.22
N LYS A 452 52.23 18.25 -22.65
CA LYS A 452 53.27 17.45 -23.35
C LYS A 452 52.69 16.86 -24.64
N VAL A 453 51.90 17.66 -25.35
CA VAL A 453 51.35 17.34 -26.70
C VAL A 453 51.81 18.46 -27.64
N THR A 454 52.42 18.09 -28.78
CA THR A 454 53.17 19.01 -29.68
C THR A 454 52.51 19.00 -31.07
N CYS A 455 51.89 20.12 -31.46
CA CYS A 455 51.13 20.24 -32.72
C CYS A 455 52.04 20.87 -33.79
N GLN A 456 52.56 20.06 -34.71
CA GLN A 456 53.27 20.53 -35.94
C GLN A 456 52.26 21.30 -36.82
N SER A 457 51.11 20.68 -37.06
CA SER A 457 49.95 21.24 -37.81
C SER A 457 48.69 21.15 -36.94
N SER A 458 47.67 21.90 -37.33
CA SER A 458 46.35 21.92 -36.66
C SER A 458 45.30 22.44 -37.65
N GLU A 459 44.05 22.02 -37.47
CA GLU A 459 42.85 22.57 -38.17
C GLU A 459 41.74 22.67 -37.13
N LEU A 460 40.62 23.30 -37.49
CA LEU A 460 39.40 23.37 -36.64
C LEU A 460 38.35 22.45 -37.27
N ALA A 461 37.61 21.72 -36.44
CA ALA A 461 36.46 20.87 -36.83
C ALA A 461 35.35 21.08 -35.82
N LYS A 462 34.10 21.09 -36.30
CA LYS A 462 32.89 21.07 -35.46
C LYS A 462 32.47 19.62 -35.30
N ASP A 463 33.06 18.95 -34.32
CA ASP A 463 32.92 17.49 -34.10
C ASP A 463 33.01 17.23 -32.59
N ILE A 464 32.26 16.23 -32.10
CA ILE A 464 32.28 15.86 -30.66
C ILE A 464 33.61 15.19 -30.31
N LEU A 465 34.41 14.79 -31.30
CA LEU A 465 35.59 13.92 -31.08
C LEU A 465 36.86 14.75 -30.94
N VAL A 466 36.76 16.07 -30.96
CA VAL A 466 37.95 16.96 -30.88
C VAL A 466 37.84 17.81 -29.60
N PRO A 467 38.96 18.25 -28.98
CA PRO A 467 40.30 18.13 -29.55
C PRO A 467 40.89 16.70 -29.70
N SER A 468 41.48 16.44 -30.88
CA SER A 468 42.11 15.14 -31.24
C SER A 468 43.59 15.39 -31.59
N PHE A 469 44.39 14.33 -31.46
CA PHE A 469 45.86 14.33 -31.73
C PHE A 469 46.20 13.09 -32.55
N ASP A 470 46.78 13.29 -33.73
CA ASP A 470 47.50 12.23 -34.50
C ASP A 470 48.95 12.22 -34.04
N PRO A 471 49.39 11.23 -33.21
CA PRO A 471 50.74 11.23 -32.68
C PRO A 471 51.75 10.89 -33.79
N LYS A 472 51.31 10.07 -34.77
CA LYS A 472 52.08 9.64 -35.98
C LYS A 472 52.44 10.85 -36.84
N ASN A 473 51.51 11.80 -36.99
CA ASN A 473 51.62 12.98 -37.90
C ASN A 473 51.84 14.26 -37.08
N LYS A 474 51.68 14.20 -35.76
CA LYS A 474 51.77 15.35 -34.82
C LYS A 474 50.82 16.47 -35.29
N HIS A 475 49.61 16.09 -35.70
CA HIS A 475 48.52 16.98 -36.20
C HIS A 475 47.39 17.04 -35.16
N CYS A 476 47.00 18.25 -34.77
CA CYS A 476 45.91 18.51 -33.79
C CYS A 476 44.68 19.06 -34.51
N VAL A 477 43.51 18.44 -34.26
CA VAL A 477 42.18 19.00 -34.63
C VAL A 477 41.57 19.62 -33.37
N PHE A 478 41.24 20.91 -33.43
CA PHE A 478 40.63 21.70 -32.33
C PHE A 478 39.15 21.90 -32.62
N GLN A 479 38.40 22.19 -31.56
CA GLN A 479 36.93 22.33 -31.57
C GLN A 479 36.57 23.72 -32.14
N GLY A 480 35.78 23.75 -33.22
CA GLY A 480 35.22 24.97 -33.82
C GLY A 480 33.87 25.35 -33.25
N ASP A 481 33.19 24.42 -32.59
CA ASP A 481 31.84 24.66 -31.99
C ASP A 481 31.92 24.22 -30.51
N LEU A 482 32.00 25.19 -29.59
CA LEU A 482 32.23 24.93 -28.15
C LEU A 482 31.06 24.13 -27.56
N LEU A 483 29.86 24.24 -28.13
CA LEU A 483 28.67 23.48 -27.68
C LEU A 483 28.87 21.99 -27.99
N LEU A 484 29.89 21.61 -28.76
CA LEU A 484 30.09 20.18 -29.16
C LEU A 484 31.17 19.50 -28.31
N PHE A 485 31.78 20.18 -27.35
CA PHE A 485 32.68 19.55 -26.37
C PHE A 485 31.94 18.37 -25.73
N SER A 486 32.55 17.20 -25.69
CA SER A 486 31.86 15.92 -25.37
C SER A 486 32.84 14.94 -24.71
N CYS A 487 32.55 14.52 -23.47
CA CYS A 487 33.19 13.37 -22.81
C CYS A 487 32.88 12.10 -23.58
N ALA A 488 31.64 11.95 -24.05
CA ALA A 488 31.17 10.81 -24.85
C ALA A 488 31.84 10.82 -26.23
N GLY A 489 32.17 9.63 -26.73
CA GLY A 489 32.63 9.44 -28.12
C GLY A 489 34.10 9.09 -28.19
N ALA A 490 34.42 8.07 -28.97
CA ALA A 490 35.80 7.57 -29.21
C ALA A 490 36.21 7.95 -30.63
N HIS A 491 37.44 8.43 -30.79
CA HIS A 491 38.03 8.67 -32.13
C HIS A 491 38.44 7.32 -32.67
N PRO A 492 38.00 6.93 -33.90
CA PRO A 492 38.35 5.62 -34.45
C PRO A 492 39.83 5.58 -34.88
N ARG A 493 40.42 6.73 -35.24
CA ARG A 493 41.79 6.87 -35.79
C ARG A 493 42.73 7.46 -34.73
N HIS A 494 42.46 8.71 -34.31
CA HIS A 494 43.36 9.55 -33.47
C HIS A 494 43.16 9.33 -31.96
N GLN A 495 44.01 9.98 -31.17
CA GLN A 495 43.90 10.12 -29.69
C GLN A 495 42.99 11.32 -29.39
N ARG A 496 42.17 11.23 -28.34
CA ARG A 496 41.41 12.39 -27.83
C ARG A 496 42.22 13.04 -26.72
N VAL A 497 42.24 14.37 -26.66
CA VAL A 497 42.77 15.12 -25.50
C VAL A 497 41.60 15.35 -24.54
N CYS A 498 41.73 14.83 -23.32
CA CYS A 498 40.60 14.55 -22.40
C CYS A 498 40.82 15.28 -21.09
N PRO A 499 39.81 16.04 -20.60
CA PRO A 499 39.92 16.73 -19.32
C PRO A 499 39.34 15.80 -18.25
N CYS A 500 40.17 15.39 -17.30
CA CYS A 500 39.75 14.56 -16.14
C CYS A 500 39.82 15.40 -14.87
N ARG A 501 39.09 14.97 -13.85
CA ARG A 501 39.24 15.51 -12.48
C ARG A 501 39.17 14.35 -11.50
N ASP A 502 39.70 14.59 -10.29
CA ASP A 502 39.52 13.72 -9.10
C ASP A 502 38.07 13.83 -8.62
N PHE A 503 37.66 12.92 -7.75
CA PHE A 503 36.38 13.03 -7.03
C PHE A 503 36.57 12.60 -5.58
N ILE A 504 35.88 13.29 -4.68
CA ILE A 504 35.65 12.86 -3.27
C ILE A 504 35.16 11.41 -3.32
N LYS A 505 35.75 10.45 -2.61
CA LYS A 505 35.32 9.03 -2.79
C LYS A 505 33.91 8.93 -2.19
N GLY A 506 33.02 8.20 -2.88
CA GLY A 506 31.58 8.08 -2.54
C GLY A 506 30.82 9.35 -2.87
N GLN A 507 31.44 10.33 -3.54
CA GLN A 507 30.78 11.59 -4.00
C GLN A 507 31.40 12.04 -5.33
N VAL A 508 31.12 11.27 -6.40
CA VAL A 508 31.76 11.45 -7.74
C VAL A 508 31.42 12.82 -8.35
N ALA A 509 30.31 13.47 -7.96
CA ALA A 509 29.90 14.77 -8.51
C ALA A 509 30.93 15.87 -8.18
N LEU A 510 31.74 15.66 -7.14
CA LEU A 510 32.53 16.74 -6.50
C LEU A 510 34.00 16.35 -6.55
N CYS A 511 34.86 17.26 -7.00
CA CYS A 511 36.34 17.14 -6.89
C CYS A 511 36.72 17.39 -5.43
N LYS A 512 37.92 16.96 -5.04
CA LYS A 512 38.40 17.06 -3.64
C LYS A 512 38.40 18.53 -3.20
N ASP A 513 38.66 19.48 -4.12
CA ASP A 513 38.72 20.94 -3.81
C ASP A 513 37.44 21.64 -4.24
N CYS A 514 36.31 20.94 -4.34
CA CYS A 514 35.07 21.50 -4.95
C CYS A 514 34.11 22.04 -3.88
N LEU A 515 34.31 21.78 -2.59
CA LEU A 515 33.29 22.16 -1.57
C LEU A 515 33.29 23.66 -1.28
N SER B 1 -2.03 -27.85 29.92
CA SER B 1 -3.49 -28.00 29.84
C SER B 1 -4.19 -26.67 30.15
N LEU B 2 -3.58 -25.68 30.81
CA LEU B 2 -4.22 -24.34 31.03
C LEU B 2 -3.75 -23.36 29.95
N ALA B 3 -4.67 -22.58 29.39
CA ALA B 3 -4.38 -21.51 28.41
C ALA B 3 -3.59 -20.39 29.11
N GLU B 4 -2.53 -19.89 28.47
CA GLU B 4 -1.80 -18.69 28.93
C GLU B 4 -1.88 -17.64 27.83
N ILE B 5 -2.24 -16.41 28.17
CA ILE B 5 -2.28 -15.31 27.16
C ILE B 5 -0.92 -15.22 26.48
N ARG B 6 -0.94 -14.89 25.19
CA ARG B 6 0.26 -14.65 24.36
C ARG B 6 0.38 -13.14 24.16
N THR B 7 1.60 -12.61 24.17
CA THR B 7 1.85 -11.17 23.98
C THR B 7 2.92 -10.99 22.88
N ASP B 8 3.17 -12.03 22.12
CA ASP B 8 4.18 -12.02 21.03
C ASP B 8 3.57 -12.72 19.82
N PHE B 9 3.70 -12.17 18.60
CA PHE B 9 3.04 -12.69 17.38
C PHE B 9 3.94 -13.57 16.50
N ASN B 10 5.19 -13.83 16.88
CA ASN B 10 6.17 -14.52 16.00
C ASN B 10 5.66 -15.93 15.65
N ILE B 11 5.17 -16.67 16.63
CA ILE B 11 4.60 -18.03 16.42
C ILE B 11 3.38 -17.94 15.47
N LEU B 12 2.51 -16.95 15.65
CA LEU B 12 1.31 -16.80 14.78
C LEU B 12 1.77 -16.54 13.34
N TYR B 13 2.64 -15.56 13.14
CA TYR B 13 3.15 -15.21 11.79
C TYR B 13 3.66 -16.49 11.11
N SER B 14 4.37 -17.32 11.87
CA SER B 14 4.96 -18.61 11.48
C SER B 14 3.89 -19.61 11.02
N MET B 15 2.71 -19.60 11.63
CA MET B 15 1.55 -20.49 11.31
C MET B 15 0.82 -20.03 10.05
N MET B 16 0.89 -18.74 9.73
CA MET B 16 0.08 -18.11 8.66
C MET B 16 0.87 -18.04 7.35
N LYS B 17 0.99 -19.17 6.66
CA LYS B 17 1.97 -19.44 5.56
C LYS B 17 1.28 -19.83 4.25
N LYS B 18 1.89 -19.46 3.11
CA LYS B 18 1.74 -20.15 1.80
C LYS B 18 0.46 -19.70 1.09
N HIS B 19 -0.22 -18.66 1.59
CA HIS B 19 -1.42 -18.07 0.92
C HIS B 19 -1.22 -16.56 0.85
N GLU B 20 -1.47 -16.00 -0.33
CA GLU B 20 -1.51 -14.52 -0.56
C GLU B 20 -2.44 -13.89 0.48
N GLU B 21 -3.53 -14.59 0.82
CA GLU B 21 -4.53 -14.05 1.77
C GLU B 21 -3.88 -13.98 3.16
N PHE B 22 -3.08 -14.99 3.54
CA PHE B 22 -2.34 -15.01 4.84
C PHE B 22 -1.32 -13.86 4.81
N ARG B 23 -0.67 -13.60 3.69
CA ARG B 23 0.27 -12.47 3.56
C ARG B 23 -0.52 -11.19 3.90
N TRP B 24 -1.71 -11.04 3.34
CA TRP B 24 -2.52 -9.81 3.54
C TRP B 24 -2.92 -9.70 5.01
N MET B 25 -3.31 -10.81 5.64
CA MET B 25 -3.70 -10.81 7.07
C MET B 25 -2.49 -10.51 7.94
N ARG B 26 -1.30 -10.98 7.58
CA ARG B 26 -0.09 -10.69 8.39
C ARG B 26 0.21 -9.19 8.36
N LEU B 27 -0.01 -8.50 7.24
CA LEU B 27 0.21 -7.04 7.16
C LEU B 27 -0.75 -6.37 8.15
N ARG B 28 -2.02 -6.80 8.16
CA ARG B 28 -3.08 -6.27 9.05
C ARG B 28 -2.67 -6.50 10.52
N ILE B 29 -2.30 -7.72 10.87
CA ILE B 29 -1.92 -8.07 12.28
C ILE B 29 -0.73 -7.21 12.70
N ARG B 30 0.29 -7.06 11.85
CA ARG B 30 1.50 -6.23 12.11
C ARG B 30 1.09 -4.77 12.37
N ARG B 31 0.15 -4.21 11.61
CA ARG B 31 -0.33 -2.84 11.82
C ARG B 31 -1.07 -2.71 13.16
N MET B 32 -1.83 -3.73 13.57
CA MET B 32 -2.72 -3.68 14.76
C MET B 32 -2.08 -4.37 15.99
N ALA B 33 -0.83 -4.87 15.88
CA ALA B 33 -0.21 -5.74 16.91
C ALA B 33 -0.20 -5.07 18.28
N ASP B 34 0.20 -3.79 18.35
CA ASP B 34 0.32 -3.06 19.64
C ASP B 34 -1.05 -2.90 20.31
N ALA B 35 -2.09 -2.64 19.52
CA ALA B 35 -3.48 -2.50 20.00
C ALA B 35 -3.95 -3.84 20.57
N TRP B 36 -3.63 -4.95 19.88
CA TRP B 36 -4.05 -6.31 20.29
C TRP B 36 -3.38 -6.60 21.64
N ILE B 37 -2.08 -6.37 21.73
CA ILE B 37 -1.31 -6.74 22.94
C ILE B 37 -1.77 -5.92 24.13
N GLN B 38 -1.97 -4.61 23.98
CA GLN B 38 -2.52 -3.71 25.02
C GLN B 38 -3.85 -4.31 25.49
N ALA B 39 -4.65 -4.81 24.55
CA ALA B 39 -6.03 -5.27 24.82
C ALA B 39 -6.05 -6.57 25.61
N ILE B 40 -5.19 -7.54 25.28
CA ILE B 40 -5.27 -8.84 26.01
C ILE B 40 -4.77 -8.57 27.43
N LYS B 41 -3.80 -7.68 27.59
CA LYS B 41 -3.26 -7.38 28.95
C LYS B 41 -4.36 -6.67 29.75
N SER B 42 -5.05 -5.69 29.17
CA SER B 42 -6.15 -4.97 29.85
C SER B 42 -7.28 -5.93 30.19
N LEU B 43 -7.69 -6.82 29.28
CA LEU B 43 -8.76 -7.81 29.58
C LEU B 43 -8.35 -8.67 30.79
N ALA B 44 -7.12 -9.18 30.81
CA ALA B 44 -6.63 -10.12 31.85
C ALA B 44 -6.55 -9.41 33.21
N GLU B 45 -6.34 -8.09 33.23
CA GLU B 45 -6.28 -7.27 34.48
C GLU B 45 -7.67 -7.02 35.05
N LYS B 46 -8.68 -6.95 34.19
CA LYS B 46 -10.06 -6.55 34.53
C LYS B 46 -10.93 -7.76 34.85
N GLN B 47 -10.59 -8.89 34.25
CA GLN B 47 -11.49 -10.04 34.11
C GLN B 47 -10.69 -11.31 34.24
N ASN B 48 -11.27 -12.31 34.89
CA ASN B 48 -10.57 -13.54 35.26
C ASN B 48 -10.41 -14.39 34.00
N LEU B 49 -9.19 -14.47 33.48
CA LEU B 49 -8.79 -15.33 32.34
C LEU B 49 -7.92 -16.49 32.86
N GLU B 50 -7.78 -16.62 34.18
CA GLU B 50 -7.02 -17.74 34.78
C GLU B 50 -7.92 -18.98 34.72
N LYS B 51 -7.33 -20.15 34.77
CA LYS B 51 -8.06 -21.43 34.99
C LYS B 51 -8.85 -21.80 33.72
N ARG B 52 -8.52 -21.23 32.56
CA ARG B 52 -9.14 -21.64 31.27
C ARG B 52 -8.36 -22.82 30.71
N LYS B 53 -9.09 -23.86 30.30
CA LYS B 53 -8.52 -25.03 29.59
C LYS B 53 -8.06 -24.54 28.22
N ARG B 54 -6.83 -24.89 27.85
CA ARG B 54 -6.27 -24.70 26.50
C ARG B 54 -7.01 -25.66 25.58
N LYS B 55 -7.69 -25.11 24.57
CA LYS B 55 -8.45 -25.92 23.59
C LYS B 55 -7.60 -26.10 22.34
N LYS B 56 -7.68 -27.29 21.75
CA LYS B 56 -7.19 -27.60 20.39
C LYS B 56 -8.28 -27.19 19.42
N VAL B 57 -8.02 -26.18 18.60
CA VAL B 57 -9.05 -25.50 17.76
C VAL B 57 -8.68 -25.76 16.30
N LEU B 58 -9.61 -26.30 15.52
CA LEU B 58 -9.47 -26.33 14.05
C LEU B 58 -10.03 -25.02 13.50
N VAL B 59 -9.22 -24.31 12.73
CA VAL B 59 -9.64 -23.12 11.92
C VAL B 59 -9.50 -23.50 10.46
N HIS B 60 -10.61 -23.77 9.78
CA HIS B 60 -10.61 -24.25 8.38
C HIS B 60 -11.16 -23.12 7.50
N LEU B 61 -10.27 -22.49 6.75
CA LEU B 61 -10.60 -21.38 5.83
C LEU B 61 -10.90 -21.99 4.46
N GLY B 62 -12.13 -22.48 4.31
CA GLY B 62 -12.65 -23.02 3.06
C GLY B 62 -12.46 -22.06 1.90
N LEU B 63 -12.58 -20.75 2.15
CA LEU B 63 -12.54 -19.74 1.06
C LEU B 63 -11.14 -19.65 0.47
N LEU B 64 -10.10 -20.18 1.15
CA LEU B 64 -8.69 -20.17 0.67
C LEU B 64 -8.31 -21.50 -0.01
N THR B 65 -9.12 -22.54 0.05
CA THR B 65 -8.79 -23.84 -0.58
C THR B 65 -8.83 -23.69 -2.12
N LYS B 66 -7.98 -24.44 -2.81
CA LYS B 66 -8.03 -24.54 -4.30
C LYS B 66 -9.40 -25.10 -4.70
N GLU B 67 -9.84 -26.15 -4.00
CA GLU B 67 -11.13 -26.89 -4.21
C GLU B 67 -12.32 -25.93 -4.27
N SER B 68 -12.35 -24.90 -3.41
CA SER B 68 -13.39 -23.83 -3.37
C SER B 68 -13.43 -23.07 -4.71
N GLY B 69 -12.28 -22.94 -5.37
CA GLY B 69 -11.99 -21.96 -6.42
C GLY B 69 -11.69 -20.63 -5.77
N PHE B 70 -12.57 -19.64 -6.02
CA PHE B 70 -12.75 -18.37 -5.25
C PHE B 70 -11.64 -17.34 -5.51
N LYS B 71 -10.36 -17.75 -5.44
CA LYS B 71 -9.16 -16.92 -5.74
C LYS B 71 -9.31 -15.52 -5.10
N ILE B 72 -9.56 -15.51 -3.78
CA ILE B 72 -9.95 -14.30 -2.98
C ILE B 72 -8.94 -13.17 -3.21
N ALA B 73 -7.63 -13.46 -3.10
CA ALA B 73 -6.50 -12.52 -3.38
C ALA B 73 -6.75 -11.70 -4.65
N GLY B 79 -10.73 -5.32 -7.32
CA GLY B 79 -11.35 -4.86 -6.07
C GLY B 79 -12.16 -5.96 -5.41
N GLY B 80 -11.59 -7.17 -5.34
CA GLY B 80 -12.24 -8.38 -4.82
C GLY B 80 -12.49 -8.29 -3.32
N PRO B 81 -13.42 -9.09 -2.75
CA PRO B 81 -13.86 -8.94 -1.36
C PRO B 81 -12.76 -9.28 -0.34
N LEU B 82 -12.67 -8.47 0.71
CA LEU B 82 -11.67 -8.63 1.80
C LEU B 82 -12.38 -8.74 3.16
N GLY B 83 -13.69 -8.48 3.24
CA GLY B 83 -14.44 -8.50 4.51
C GLY B 83 -14.29 -9.80 5.26
N GLU B 84 -14.27 -10.92 4.53
CA GLU B 84 -14.24 -12.27 5.15
C GLU B 84 -12.83 -12.44 5.70
N LEU B 85 -11.83 -11.91 5.03
CA LEU B 85 -10.40 -12.06 5.48
C LEU B 85 -10.17 -11.20 6.73
N VAL B 86 -10.76 -10.00 6.78
CA VAL B 86 -10.73 -9.17 8.00
C VAL B 86 -11.22 -10.01 9.19
N GLN B 87 -12.44 -10.54 9.11
CA GLN B 87 -13.00 -11.30 10.23
C GLN B 87 -12.14 -12.53 10.53
N TRP B 88 -11.67 -13.27 9.52
CA TRP B 88 -10.84 -14.48 9.78
C TRP B 88 -9.58 -14.04 10.50
N SER B 89 -8.98 -12.93 10.10
CA SER B 89 -7.72 -12.43 10.67
C SER B 89 -7.94 -12.16 12.15
N ASP B 90 -9.06 -11.52 12.49
CA ASP B 90 -9.31 -11.04 13.85
C ASP B 90 -9.73 -12.22 14.75
N LEU B 91 -10.38 -13.23 14.18
CA LEU B 91 -10.73 -14.46 14.94
C LEU B 91 -9.46 -15.21 15.29
N ILE B 92 -8.62 -15.45 14.30
CA ILE B 92 -7.36 -16.20 14.49
C ILE B 92 -6.50 -15.47 15.54
N THR B 93 -6.37 -14.15 15.44
CA THR B 93 -5.54 -13.33 16.35
C THR B 93 -6.09 -13.50 17.77
N SER B 94 -7.42 -13.37 17.94
CA SER B 94 -8.09 -13.49 19.24
C SER B 94 -7.80 -14.87 19.83
N LEU B 95 -7.96 -15.95 19.06
CA LEU B 95 -7.75 -17.32 19.56
C LEU B 95 -6.30 -17.47 20.01
N TYR B 96 -5.40 -16.92 19.23
CA TYR B 96 -3.93 -17.01 19.48
C TYR B 96 -3.58 -16.24 20.76
N LEU B 97 -4.05 -14.99 20.91
CA LEU B 97 -3.77 -14.18 22.13
C LEU B 97 -4.36 -14.85 23.37
N LEU B 98 -5.52 -15.52 23.25
CA LEU B 98 -6.19 -16.17 24.41
C LEU B 98 -5.45 -17.44 24.83
N GLY B 99 -4.48 -17.85 24.02
CA GLY B 99 -3.52 -18.93 24.34
C GLY B 99 -3.99 -20.29 23.90
N HIS B 100 -4.96 -20.37 23.00
CA HIS B 100 -5.44 -21.69 22.50
C HIS B 100 -4.44 -22.30 21.53
N ASP B 101 -4.63 -23.58 21.28
CA ASP B 101 -3.76 -24.40 20.39
C ASP B 101 -4.40 -24.45 19.01
N ILE B 102 -4.13 -23.44 18.19
CA ILE B 102 -4.78 -23.23 16.85
C ILE B 102 -4.09 -24.12 15.84
N ARG B 103 -4.89 -24.84 15.06
CA ARG B 103 -4.44 -25.64 13.92
C ARG B 103 -5.10 -25.05 12.67
N ILE B 104 -4.33 -24.32 11.86
CA ILE B 104 -4.87 -23.53 10.73
C ILE B 104 -4.87 -24.43 9.50
N SER B 105 -6.02 -24.53 8.83
CA SER B 105 -6.18 -25.35 7.61
C SER B 105 -6.68 -24.47 6.48
N ALA B 106 -6.05 -24.57 5.31
CA ALA B 106 -6.50 -23.88 4.08
C ALA B 106 -6.39 -24.84 2.90
N SER B 107 -6.53 -26.14 3.18
CA SER B 107 -6.50 -27.26 2.21
C SER B 107 -7.27 -28.45 2.77
N LEU B 108 -7.81 -29.30 1.90
CA LEU B 108 -8.51 -30.56 2.30
C LEU B 108 -7.51 -31.49 3.01
N ALA B 109 -6.26 -31.51 2.53
CA ALA B 109 -5.14 -32.28 3.11
C ALA B 109 -4.99 -31.93 4.59
N GLU B 110 -4.90 -30.63 4.91
CA GLU B 110 -4.70 -30.16 6.29
C GLU B 110 -5.94 -30.52 7.12
N LEU B 111 -7.13 -30.19 6.59
CA LEU B 111 -8.42 -30.47 7.26
C LEU B 111 -8.40 -31.93 7.75
N LYS B 112 -8.05 -32.85 6.86
CA LYS B 112 -8.13 -34.33 7.11
C LYS B 112 -7.06 -34.77 8.13
N GLU B 113 -5.84 -34.25 7.99
CA GLU B 113 -4.70 -34.44 8.93
C GLU B 113 -5.09 -34.03 10.35
N ILE B 114 -5.56 -32.79 10.51
CA ILE B 114 -5.85 -32.19 11.85
C ILE B 114 -6.94 -33.00 12.53
N MET B 115 -8.00 -33.32 11.79
CA MET B 115 -9.17 -34.07 12.31
C MET B 115 -8.74 -35.52 12.60
N GLY B 116 -7.86 -36.06 11.77
CA GLY B 116 -7.22 -37.38 11.99
C GLY B 116 -6.44 -37.43 13.29
N GLY B 117 -5.72 -36.34 13.61
CA GLY B 117 -4.88 -36.19 14.82
C GLY B 117 -5.67 -36.25 16.13
N GLY B 118 -7.01 -36.22 16.08
CA GLY B 118 -7.89 -36.34 17.25
C GLY B 118 -7.76 -35.16 18.20
N GLY B 119 -8.59 -35.11 19.25
CA GLY B 119 -8.43 -34.14 20.36
C GLY B 119 -8.92 -32.74 19.99
N VAL B 120 -9.49 -32.56 18.79
CA VAL B 120 -10.11 -31.25 18.38
C VAL B 120 -11.30 -31.01 19.32
N GLU B 121 -11.36 -29.82 19.91
CA GLU B 121 -12.42 -29.46 20.90
C GLU B 121 -13.32 -28.36 20.35
N LEU B 122 -12.90 -27.72 19.27
CA LEU B 122 -13.61 -26.54 18.70
C LEU B 122 -13.23 -26.41 17.25
N ILE B 123 -14.20 -26.02 16.43
CA ILE B 123 -14.00 -25.94 14.96
C ILE B 123 -14.61 -24.62 14.48
N TYR B 124 -13.75 -23.75 13.95
CA TYR B 124 -14.18 -22.52 13.24
C TYR B 124 -14.07 -22.77 11.76
N ILE B 125 -15.13 -22.52 11.02
CA ILE B 125 -15.22 -22.92 9.59
C ILE B 125 -16.13 -21.96 8.88
N ASP B 126 -15.99 -21.85 7.57
CA ASP B 126 -16.97 -21.09 6.77
C ASP B 126 -17.95 -22.04 6.07
N ILE B 127 -18.92 -21.46 5.34
CA ILE B 127 -20.03 -22.24 4.71
C ILE B 127 -19.43 -23.17 3.64
N VAL B 128 -18.51 -22.66 2.81
CA VAL B 128 -17.79 -23.46 1.78
C VAL B 128 -17.03 -24.57 2.48
N GLY B 129 -16.35 -24.22 3.56
CA GLY B 129 -15.51 -25.14 4.36
C GLY B 129 -16.38 -26.22 4.95
N LEU B 130 -17.62 -25.91 5.35
CA LEU B 130 -18.53 -26.88 6.02
C LEU B 130 -18.89 -28.01 5.04
N ALA B 131 -19.19 -27.69 3.78
CA ALA B 131 -19.41 -28.70 2.72
C ALA B 131 -18.18 -29.59 2.58
N GLN B 132 -17.00 -29.00 2.64
CA GLN B 132 -15.71 -29.75 2.50
C GLN B 132 -15.51 -30.67 3.71
N PHE B 133 -15.90 -30.20 4.91
CA PHE B 133 -15.79 -30.97 6.17
C PHE B 133 -16.63 -32.24 6.04
N LYS B 134 -17.90 -32.07 5.67
CA LYS B 134 -18.85 -33.19 5.51
C LYS B 134 -18.30 -34.18 4.45
N LYS B 135 -17.77 -33.70 3.32
CA LYS B 135 -17.27 -34.56 2.22
C LYS B 135 -15.99 -35.25 2.65
N THR B 136 -15.02 -34.55 3.25
CA THR B 136 -13.70 -35.10 3.67
C THR B 136 -13.88 -36.17 4.74
N LEU B 137 -14.70 -35.90 5.78
CA LEU B 137 -14.79 -36.79 6.96
C LEU B 137 -15.77 -37.96 6.70
N GLY B 138 -16.76 -37.75 5.83
CA GLY B 138 -17.80 -38.74 5.52
C GLY B 138 -18.89 -38.70 6.58
N PRO B 139 -19.69 -39.79 6.78
CA PRO B 139 -20.84 -39.75 7.67
C PRO B 139 -20.56 -39.35 9.12
N SER B 140 -19.35 -39.59 9.62
CA SER B 140 -18.97 -39.32 11.02
C SER B 140 -18.69 -37.82 11.21
N TRP B 141 -18.81 -37.01 10.16
CA TRP B 141 -18.73 -35.53 10.30
C TRP B 141 -19.74 -35.10 11.36
N VAL B 142 -20.90 -35.77 11.43
CA VAL B 142 -21.97 -35.42 12.41
C VAL B 142 -21.43 -35.62 13.84
N HIS B 143 -20.41 -36.46 14.04
CA HIS B 143 -19.87 -36.69 15.40
C HIS B 143 -19.31 -35.39 15.97
N TYR B 144 -18.99 -34.43 15.11
CA TYR B 144 -18.24 -33.19 15.48
C TYR B 144 -19.15 -31.98 15.37
N GLN B 145 -20.41 -32.16 14.99
CA GLN B 145 -21.28 -31.05 14.57
C GLN B 145 -21.48 -30.06 15.73
N CYS B 146 -21.47 -30.52 16.99
CA CYS B 146 -21.73 -29.63 18.16
C CYS B 146 -20.53 -28.69 18.39
N MET B 147 -19.35 -29.00 17.83
CA MET B 147 -18.10 -28.22 18.01
C MET B 147 -17.95 -27.17 16.91
N LEU B 148 -18.84 -27.18 15.92
CA LEU B 148 -18.78 -26.24 14.78
C LEU B 148 -19.19 -24.83 15.17
N ARG B 149 -18.44 -23.86 14.70
CA ARG B 149 -18.76 -22.41 14.77
C ARG B 149 -18.59 -21.88 13.34
N VAL B 150 -19.72 -21.49 12.75
CA VAL B 150 -19.85 -21.35 11.29
C VAL B 150 -19.93 -19.87 10.95
N LEU B 151 -18.82 -19.38 10.40
CA LEU B 151 -18.66 -17.96 9.98
C LEU B 151 -19.51 -17.79 8.73
N ASP B 152 -20.54 -16.98 8.88
CA ASP B 152 -21.69 -16.86 7.99
C ASP B 152 -22.17 -15.42 8.07
N SER B 153 -21.57 -14.55 7.26
CA SER B 153 -21.62 -13.08 7.42
C SER B 153 -23.06 -12.64 7.60
N PHE B 154 -23.94 -13.01 6.65
CA PHE B 154 -25.29 -12.44 6.52
C PHE B 154 -26.31 -13.21 7.38
N GLY B 155 -25.94 -14.34 7.95
CA GLY B 155 -26.78 -15.08 8.91
C GLY B 155 -27.66 -16.12 8.24
N THR B 156 -28.06 -17.13 9.01
CA THR B 156 -28.93 -18.24 8.59
C THR B 156 -30.09 -18.32 9.57
N GLU B 157 -31.32 -18.11 9.08
CA GLU B 157 -32.52 -18.16 9.96
C GLU B 157 -33.01 -19.58 10.15
N PRO B 158 -33.63 -19.89 11.30
CA PRO B 158 -34.09 -21.26 11.62
C PRO B 158 -34.89 -21.92 10.50
N GLU B 159 -35.75 -21.18 9.78
CA GLU B 159 -36.62 -21.77 8.73
C GLU B 159 -35.81 -22.33 7.54
N PHE B 160 -34.60 -21.82 7.32
CA PHE B 160 -33.70 -22.25 6.22
C PHE B 160 -32.74 -23.32 6.69
N ASN B 161 -32.41 -23.31 7.98
CA ASN B 161 -31.45 -24.25 8.59
C ASN B 161 -32.05 -25.65 8.69
N HIS B 162 -33.33 -25.70 8.98
CA HIS B 162 -34.11 -26.94 9.12
C HIS B 162 -34.40 -27.43 7.70
N ALA B 163 -33.66 -28.43 7.21
CA ALA B 163 -33.75 -28.85 5.80
C ALA B 163 -35.19 -29.20 5.44
N ASN B 164 -35.88 -29.99 6.25
CA ASN B 164 -37.23 -30.53 5.90
C ASN B 164 -38.25 -29.41 5.91
N TYR B 165 -38.14 -28.46 6.84
CA TYR B 165 -39.10 -27.33 6.95
C TYR B 165 -38.90 -26.36 5.79
N ALA B 166 -37.64 -26.07 5.44
CA ALA B 166 -37.29 -25.20 4.30
C ALA B 166 -37.96 -25.78 3.03
N GLN B 167 -37.88 -27.08 2.83
CA GLN B 167 -38.48 -27.78 1.66
C GLN B 167 -40.01 -27.64 1.74
N SER B 168 -40.58 -27.86 2.92
CA SER B 168 -42.05 -27.80 3.18
C SER B 168 -42.54 -26.37 2.94
N LYS B 169 -41.68 -25.36 3.06
CA LYS B 169 -42.08 -23.93 2.89
C LYS B 169 -41.79 -23.48 1.45
N GLY B 170 -41.27 -24.39 0.62
CA GLY B 170 -41.06 -24.14 -0.81
C GLY B 170 -39.78 -23.38 -1.12
N HIS B 171 -38.90 -23.17 -0.14
CA HIS B 171 -37.59 -22.49 -0.35
C HIS B 171 -36.75 -23.39 -1.24
N LYS B 172 -36.24 -22.88 -2.34
CA LYS B 172 -35.50 -23.69 -3.35
C LYS B 172 -34.00 -23.37 -3.32
N THR B 173 -33.56 -22.58 -2.36
CA THR B 173 -32.14 -22.19 -2.19
C THR B 173 -31.26 -23.42 -1.99
N PRO B 174 -29.98 -23.41 -2.47
CA PRO B 174 -29.00 -24.44 -2.11
C PRO B 174 -28.47 -24.29 -0.67
N TRP B 175 -28.64 -23.11 -0.10
CA TRP B 175 -28.01 -22.70 1.17
C TRP B 175 -28.90 -23.10 2.33
N GLY B 176 -28.35 -23.06 3.54
CA GLY B 176 -29.03 -23.57 4.73
C GLY B 176 -28.97 -25.08 4.78
N LYS B 177 -29.96 -25.68 5.42
CA LYS B 177 -30.21 -27.13 5.50
C LYS B 177 -29.14 -27.89 6.29
N TRP B 178 -28.35 -27.22 7.12
CA TRP B 178 -27.32 -27.93 7.93
C TRP B 178 -27.91 -28.58 9.18
N ASN B 179 -29.10 -28.16 9.60
CA ASN B 179 -29.78 -28.70 10.80
C ASN B 179 -28.89 -28.47 12.03
N LEU B 180 -28.18 -27.35 12.10
CA LEU B 180 -27.33 -27.02 13.27
C LEU B 180 -28.22 -26.38 14.32
N ASN B 181 -27.74 -26.23 15.54
CA ASN B 181 -28.31 -25.20 16.43
C ASN B 181 -28.01 -23.86 15.77
N PRO B 182 -28.97 -22.98 15.43
CA PRO B 182 -28.61 -21.74 14.70
C PRO B 182 -27.64 -20.77 15.40
N GLN B 183 -27.45 -20.91 16.72
CA GLN B 183 -26.51 -20.07 17.48
C GLN B 183 -25.08 -20.45 17.08
N GLN B 184 -24.93 -21.57 16.36
CA GLN B 184 -23.61 -22.04 15.84
C GLN B 184 -23.14 -21.23 14.62
N PHE B 185 -24.01 -20.41 14.01
CA PHE B 185 -23.68 -19.50 12.89
C PHE B 185 -23.23 -18.16 13.50
N TYR B 186 -22.09 -17.69 13.05
CA TYR B 186 -21.34 -16.52 13.54
C TYR B 186 -21.38 -15.43 12.48
N THR B 187 -22.08 -14.34 12.76
CA THR B 187 -22.36 -13.25 11.81
C THR B 187 -21.36 -12.12 11.93
N MET B 188 -21.42 -11.24 10.93
CA MET B 188 -20.45 -10.13 10.78
C MET B 188 -20.92 -8.97 11.65
N PHE B 189 -22.23 -8.81 11.73
CA PHE B 189 -22.95 -7.75 12.48
C PHE B 189 -24.06 -8.42 13.24
N PRO B 190 -24.54 -7.80 14.34
CA PRO B 190 -25.51 -8.46 15.22
C PRO B 190 -26.93 -8.24 14.70
N HIS B 191 -27.21 -8.73 13.49
CA HIS B 191 -28.49 -8.48 12.79
C HIS B 191 -29.45 -9.66 12.92
N THR B 192 -28.96 -10.81 13.35
CA THR B 192 -29.72 -12.09 13.35
C THR B 192 -29.58 -12.74 14.72
N PRO B 193 -30.48 -12.42 15.67
CA PRO B 193 -30.38 -12.95 17.03
C PRO B 193 -30.55 -14.46 17.20
N ASP B 194 -30.98 -15.14 16.12
CA ASP B 194 -31.06 -16.61 16.02
C ASP B 194 -29.63 -17.11 15.96
N ASN B 195 -28.73 -16.25 15.51
CA ASN B 195 -27.30 -16.61 15.33
C ASN B 195 -26.47 -15.91 16.39
N SER B 196 -25.18 -16.23 16.48
CA SER B 196 -24.19 -15.52 17.33
C SER B 196 -23.50 -14.42 16.49
N PHE B 197 -23.35 -13.24 17.07
CA PHE B 197 -22.54 -12.12 16.52
C PHE B 197 -21.06 -12.36 16.77
N LEU B 198 -20.27 -12.67 15.74
CA LEU B 198 -18.78 -12.68 15.86
C LEU B 198 -18.16 -11.29 15.61
N GLY B 199 -18.45 -10.66 14.48
CA GLY B 199 -17.89 -9.33 14.19
C GLY B 199 -16.42 -9.44 13.88
N PHE B 200 -15.65 -8.40 14.20
CA PHE B 200 -14.21 -8.23 13.83
C PHE B 200 -13.76 -7.01 14.61
N VAL B 201 -12.53 -6.58 14.41
CA VAL B 201 -12.01 -5.32 14.99
C VAL B 201 -11.90 -4.23 13.90
N VAL B 202 -12.40 -3.05 14.25
CA VAL B 202 -12.28 -1.83 13.41
C VAL B 202 -10.87 -1.27 13.59
N GLU B 203 -10.08 -1.35 12.53
CA GLU B 203 -8.73 -0.76 12.50
C GLU B 203 -8.82 0.77 12.47
N GLN B 204 -8.11 1.44 13.40
CA GLN B 204 -7.76 2.88 13.30
C GLN B 204 -6.41 3.13 13.99
N HIS B 205 -5.76 4.25 13.65
CA HIS B 205 -4.40 4.57 14.14
C HIS B 205 -4.32 6.03 14.58
N LEU B 206 -5.39 6.53 15.20
CA LEU B 206 -5.41 7.87 15.83
C LEU B 206 -5.00 7.72 17.30
N ASN B 207 -3.79 8.16 17.65
CA ASN B 207 -3.33 8.28 19.06
C ASN B 207 -4.02 9.52 19.64
N SER B 208 -3.86 9.79 20.94
CA SER B 208 -4.58 10.85 21.69
C SER B 208 -4.33 12.24 21.07
N SER B 209 -3.13 12.47 20.52
CA SER B 209 -2.69 13.78 19.93
C SER B 209 -3.27 13.97 18.52
N ASP B 210 -3.41 12.89 17.74
CA ASP B 210 -4.17 12.88 16.45
C ASP B 210 -5.61 13.36 16.73
N ILE B 211 -6.32 12.69 17.64
CA ILE B 211 -7.74 12.96 18.03
C ILE B 211 -7.91 14.44 18.43
N HIS B 212 -6.90 15.04 19.09
CA HIS B 212 -6.90 16.44 19.58
C HIS B 212 -6.74 17.41 18.39
N HIS B 213 -5.77 17.15 17.51
CA HIS B 213 -5.44 17.96 16.31
C HIS B 213 -6.16 17.44 15.07
N ILE B 214 -7.34 16.80 15.23
CA ILE B 214 -8.07 16.07 14.13
C ILE B 214 -8.65 17.09 13.16
N ASN B 215 -9.00 18.28 13.66
CA ASN B 215 -9.59 19.38 12.84
C ASN B 215 -8.52 19.88 11.88
N GLU B 216 -7.24 19.79 12.26
CA GLU B 216 -6.07 20.25 11.47
C GLU B 216 -5.57 19.12 10.56
N ILE B 217 -5.74 17.86 10.98
CA ILE B 217 -5.32 16.65 10.20
C ILE B 217 -6.28 16.47 9.02
N LYS B 218 -7.57 16.67 9.23
CA LYS B 218 -8.62 16.48 8.20
C LYS B 218 -8.69 17.68 7.26
N ARG B 219 -8.73 17.40 5.96
CA ARG B 219 -9.17 18.38 4.95
C ARG B 219 -10.70 18.36 5.03
N GLN B 220 -11.27 19.50 5.45
CA GLN B 220 -12.70 19.66 5.82
C GLN B 220 -13.58 19.38 4.59
N ASN B 221 -13.05 19.50 3.37
CA ASN B 221 -13.80 19.27 2.11
C ASN B 221 -13.21 18.10 1.33
N GLN B 222 -12.61 17.11 2.00
CA GLN B 222 -12.14 15.88 1.31
C GLN B 222 -13.14 14.75 1.56
N SER B 223 -13.73 14.22 0.50
CA SER B 223 -14.63 13.04 0.55
C SER B 223 -13.97 11.86 -0.15
N LEU B 224 -14.29 10.66 0.31
CA LEU B 224 -13.79 9.41 -0.29
C LEU B 224 -14.99 8.50 -0.56
N VAL B 225 -15.09 7.99 -1.79
CA VAL B 225 -16.20 7.09 -2.15
C VAL B 225 -15.86 5.66 -1.70
N TYR B 226 -16.87 5.01 -1.11
CA TYR B 226 -16.87 3.58 -0.74
C TYR B 226 -17.25 2.81 -1.99
N GLY B 227 -16.33 1.98 -2.51
CA GLY B 227 -16.64 1.09 -3.63
C GLY B 227 -15.40 0.85 -4.45
N LYS B 228 -14.83 -0.34 -4.27
CA LYS B 228 -13.53 -0.78 -4.84
C LYS B 228 -13.73 -1.23 -6.30
N VAL B 229 -14.98 -1.41 -6.75
CA VAL B 229 -15.35 -1.98 -8.08
C VAL B 229 -16.14 -0.92 -8.88
N ASP B 230 -15.71 -0.67 -10.10
CA ASP B 230 -16.28 0.32 -11.06
C ASP B 230 -17.80 0.13 -11.26
N SER B 231 -18.29 -1.11 -11.36
CA SER B 231 -19.74 -1.41 -11.57
C SER B 231 -20.58 -0.78 -10.47
N PHE B 232 -20.06 -0.72 -9.23
CA PHE B 232 -20.79 -0.20 -8.05
C PHE B 232 -21.21 1.26 -8.28
N TRP B 233 -20.52 1.97 -9.18
CA TRP B 233 -20.65 3.43 -9.43
C TRP B 233 -21.73 3.74 -10.48
N LYS B 234 -22.35 2.73 -11.06
CA LYS B 234 -23.37 2.88 -12.14
C LYS B 234 -24.49 3.82 -11.65
N ASN B 235 -24.80 4.88 -12.41
CA ASN B 235 -25.99 5.76 -12.23
C ASN B 235 -25.89 6.57 -10.95
N LYS B 236 -24.67 6.96 -10.54
CA LYS B 236 -24.43 7.71 -9.28
C LYS B 236 -23.97 9.14 -9.61
N LYS B 237 -24.08 9.57 -10.87
CA LYS B 237 -23.48 10.86 -11.31
C LYS B 237 -24.14 12.02 -10.58
N ILE B 238 -25.48 12.04 -10.47
CA ILE B 238 -26.22 13.19 -9.87
C ILE B 238 -25.85 13.29 -8.39
N TYR B 239 -25.84 12.14 -7.72
CA TYR B 239 -25.45 12.00 -6.29
C TYR B 239 -24.05 12.59 -6.10
N LEU B 240 -23.08 12.09 -6.89
CA LEU B 240 -21.65 12.50 -6.75
C LEU B 240 -21.48 13.99 -7.09
N ASP B 241 -22.24 14.51 -8.06
CA ASP B 241 -22.17 15.91 -8.49
C ASP B 241 -22.61 16.80 -7.32
N ILE B 242 -23.65 16.41 -6.58
CA ILE B 242 -24.11 17.15 -5.36
C ILE B 242 -22.95 17.21 -4.35
N ILE B 243 -22.28 16.09 -4.12
CA ILE B 243 -21.16 16.04 -3.14
C ILE B 243 -19.97 16.85 -3.69
N HIS B 244 -19.70 16.77 -5.00
CA HIS B 244 -18.57 17.49 -5.63
C HIS B 244 -18.74 19.02 -5.53
N THR B 245 -19.99 19.49 -5.40
CA THR B 245 -20.33 20.93 -5.18
C THR B 245 -19.58 21.46 -3.95
N TYR B 246 -19.44 20.64 -2.92
CA TYR B 246 -18.92 21.05 -1.58
C TYR B 246 -17.53 20.46 -1.31
N MET B 247 -17.17 19.37 -1.96
CA MET B 247 -16.03 18.54 -1.52
C MET B 247 -15.26 18.00 -2.73
N GLU B 248 -13.94 17.85 -2.58
CA GLU B 248 -13.12 16.99 -3.45
C GLU B 248 -13.68 15.58 -3.32
N VAL B 249 -13.67 14.80 -4.39
CA VAL B 249 -14.17 13.39 -4.39
C VAL B 249 -12.98 12.49 -4.76
N HIS B 250 -12.54 11.71 -3.80
CA HIS B 250 -11.49 10.67 -3.94
C HIS B 250 -12.13 9.29 -4.09
N ALA B 251 -11.38 8.33 -4.59
CA ALA B 251 -11.82 6.94 -4.80
C ALA B 251 -10.65 5.98 -4.66
N THR B 252 -10.98 4.71 -4.41
CA THR B 252 -10.03 3.58 -4.37
C THR B 252 -10.64 2.47 -5.23
N VAL B 253 -10.62 2.63 -6.55
CA VAL B 253 -11.26 1.67 -7.51
C VAL B 253 -10.17 1.05 -8.40
N TYR B 254 -10.26 -0.25 -8.63
CA TYR B 254 -9.35 -1.04 -9.53
C TYR B 254 -9.71 -0.83 -11.01
N GLY B 255 -8.69 -0.79 -11.90
CA GLY B 255 -8.87 -0.83 -13.37
C GLY B 255 -8.08 0.26 -14.10
N THR B 258 -12.08 2.84 -16.63
CA THR B 258 -13.21 3.02 -15.68
C THR B 258 -14.07 4.21 -16.12
N LYS B 259 -15.29 3.96 -16.57
CA LYS B 259 -16.14 4.98 -17.25
C LYS B 259 -17.35 5.35 -16.39
N ASN B 260 -17.54 4.72 -15.23
CA ASN B 260 -18.62 5.09 -14.26
C ASN B 260 -18.10 6.20 -13.32
N ILE B 261 -16.83 6.55 -13.45
CA ILE B 261 -16.09 7.44 -12.50
C ILE B 261 -15.96 8.82 -13.12
N PRO B 262 -16.68 9.85 -12.62
CA PRO B 262 -16.52 11.22 -13.13
C PRO B 262 -15.06 11.66 -13.23
N SER B 263 -14.76 12.55 -14.18
CA SER B 263 -13.41 13.06 -14.50
C SER B 263 -12.80 13.75 -13.26
N TYR B 264 -13.62 14.37 -12.44
CA TYR B 264 -13.18 15.20 -11.28
C TYR B 264 -12.71 14.32 -10.12
N VAL B 265 -12.99 13.01 -10.13
CA VAL B 265 -12.69 12.08 -9.01
C VAL B 265 -11.18 11.81 -8.98
N LYS B 266 -10.57 11.92 -7.81
CA LYS B 266 -9.14 11.57 -7.58
C LYS B 266 -9.04 10.10 -7.20
N ASN B 267 -8.82 9.22 -8.17
CA ASN B 267 -8.76 7.75 -7.95
C ASN B 267 -7.33 7.39 -7.55
N HIS B 268 -7.20 6.66 -6.44
CA HIS B 268 -5.91 6.21 -5.84
C HIS B 268 -5.66 4.74 -6.20
N GLY B 269 -6.63 4.09 -6.82
CA GLY B 269 -6.60 2.63 -7.01
C GLY B 269 -6.72 1.94 -5.67
N ILE B 270 -6.60 0.60 -5.64
CA ILE B 270 -6.75 -0.16 -4.36
C ILE B 270 -5.52 0.15 -3.51
N LEU B 271 -5.73 0.60 -2.27
CA LEU B 271 -4.64 0.99 -1.34
C LEU B 271 -4.33 -0.17 -0.39
N SER B 272 -3.07 -0.30 0.02
CA SER B 272 -2.67 -1.08 1.21
C SER B 272 -3.44 -0.53 2.41
N GLY B 273 -3.57 -1.33 3.47
CA GLY B 273 -4.19 -0.88 4.73
C GLY B 273 -3.53 0.37 5.24
N ARG B 274 -2.20 0.48 5.27
CA ARG B 274 -1.49 1.70 5.76
C ARG B 274 -1.98 2.93 5.04
N ASP B 275 -2.00 2.88 3.71
CA ASP B 275 -2.24 4.06 2.83
C ASP B 275 -3.71 4.42 2.92
N LEU B 276 -4.58 3.41 2.95
CA LEU B 276 -6.05 3.63 3.14
C LEU B 276 -6.28 4.34 4.47
N GLN B 277 -5.71 3.83 5.57
CA GLN B 277 -5.89 4.38 6.92
C GLN B 277 -5.40 5.82 6.92
N PHE B 278 -4.27 6.11 6.27
CA PHE B 278 -3.76 7.50 6.17
C PHE B 278 -4.77 8.40 5.46
N LEU B 279 -5.35 7.88 4.37
CA LEU B 279 -6.37 8.62 3.59
C LEU B 279 -7.60 8.84 4.45
N LEU B 280 -8.05 7.83 5.20
CA LEU B 280 -9.26 7.97 6.06
C LEU B 280 -9.02 9.06 7.12
N ARG B 281 -7.81 9.08 7.68
CA ARG B 281 -7.40 10.07 8.72
C ARG B 281 -7.64 11.49 8.18
N GLU B 282 -7.31 11.75 6.90
CA GLU B 282 -7.46 13.08 6.21
C GLU B 282 -8.89 13.37 5.74
N THR B 283 -9.77 12.38 5.71
CA THR B 283 -11.05 12.45 4.97
C THR B 283 -12.15 12.91 5.91
N LYS B 284 -13.00 13.82 5.43
CA LYS B 284 -14.15 14.33 6.19
C LYS B 284 -15.37 13.41 5.96
N LEU B 285 -15.60 12.94 4.74
CA LEU B 285 -16.84 12.23 4.37
C LEU B 285 -16.52 10.95 3.59
N PHE B 286 -17.06 9.82 4.05
CA PHE B 286 -17.00 8.52 3.35
C PHE B 286 -18.38 8.26 2.72
N VAL B 287 -18.38 8.07 1.40
CA VAL B 287 -19.63 8.12 0.58
C VAL B 287 -20.06 6.72 0.18
N GLY B 288 -21.17 6.25 0.71
CA GLY B 288 -21.80 4.97 0.30
C GLY B 288 -22.47 5.13 -1.05
N LEU B 289 -22.37 4.14 -1.91
CA LEU B 289 -23.06 4.13 -3.21
C LEU B 289 -24.30 3.24 -3.17
N GLY B 290 -24.44 2.38 -2.16
CA GLY B 290 -25.55 1.43 -2.05
C GLY B 290 -25.08 0.00 -1.98
N PHE B 291 -23.84 -0.24 -2.40
CA PHE B 291 -23.24 -1.59 -2.44
C PHE B 291 -21.74 -1.37 -2.22
N PRO B 292 -21.03 -2.21 -1.43
CA PRO B 292 -21.58 -3.43 -0.83
C PRO B 292 -22.35 -3.27 0.49
N TYR B 293 -23.08 -4.32 0.86
CA TYR B 293 -23.92 -4.37 2.08
C TYR B 293 -23.07 -4.81 3.28
N GLU B 294 -23.20 -4.10 4.39
CA GLU B 294 -22.77 -4.58 5.73
C GLU B 294 -21.32 -5.01 5.71
N GLY B 295 -20.48 -4.13 5.19
CA GLY B 295 -19.02 -4.32 5.19
C GLY B 295 -18.33 -3.62 6.35
N PRO B 296 -17.05 -3.95 6.56
CA PRO B 296 -16.25 -3.29 7.59
C PRO B 296 -15.81 -1.85 7.26
N ALA B 297 -15.77 -1.44 5.98
CA ALA B 297 -15.10 -0.20 5.52
C ALA B 297 -15.75 1.01 6.19
N PRO B 298 -17.09 1.12 6.25
CA PRO B 298 -17.70 2.29 6.88
C PRO B 298 -17.31 2.50 8.34
N LEU B 299 -17.21 1.43 9.12
CA LEU B 299 -16.79 1.49 10.55
C LEU B 299 -15.34 1.95 10.63
N GLU B 300 -14.48 1.54 9.70
CA GLU B 300 -13.09 2.03 9.66
C GLU B 300 -13.11 3.55 9.43
N ALA B 301 -13.97 4.06 8.55
CA ALA B 301 -14.08 5.50 8.24
C ALA B 301 -14.49 6.23 9.52
N ILE B 302 -15.50 5.72 10.20
CA ILE B 302 -16.09 6.33 11.42
C ILE B 302 -15.07 6.31 12.55
N ALA B 303 -14.29 5.24 12.67
CA ALA B 303 -13.19 5.14 13.67
C ALA B 303 -12.15 6.25 13.42
N ASN B 304 -12.04 6.74 12.19
CA ASN B 304 -11.00 7.73 11.77
C ASN B 304 -11.62 9.12 11.77
N GLY B 305 -12.84 9.25 12.29
CA GLY B 305 -13.52 10.55 12.44
C GLY B 305 -14.20 10.99 11.15
N CYS B 306 -14.32 10.11 10.14
CA CYS B 306 -15.09 10.40 8.91
C CYS B 306 -16.58 10.23 9.23
N ALA B 307 -17.42 11.07 8.64
CA ALA B 307 -18.88 10.84 8.59
C ALA B 307 -19.13 9.84 7.48
N PHE B 308 -20.13 8.97 7.64
CA PHE B 308 -20.54 8.00 6.60
C PHE B 308 -21.88 8.43 6.05
N LEU B 309 -21.93 8.68 4.75
CA LEU B 309 -23.18 8.92 4.00
C LEU B 309 -23.72 7.54 3.55
N ASN B 310 -24.80 7.10 4.21
CA ASN B 310 -25.36 5.73 4.18
C ASN B 310 -26.64 5.72 3.36
N PRO B 311 -26.63 5.19 2.12
CA PRO B 311 -27.84 5.11 1.29
C PRO B 311 -29.00 4.39 2.01
N LYS B 312 -30.15 5.06 2.11
CA LYS B 312 -31.38 4.51 2.71
C LYS B 312 -32.12 3.66 1.65
N PHE B 313 -32.67 2.52 2.06
CA PHE B 313 -33.42 1.61 1.16
C PHE B 313 -34.90 1.61 1.54
N ASN B 314 -35.71 2.15 0.63
CA ASN B 314 -37.19 2.20 0.72
C ASN B 314 -37.72 1.80 -0.65
N PRO B 315 -38.19 0.56 -0.87
CA PRO B 315 -38.37 -0.47 0.17
C PRO B 315 -37.04 -1.02 0.67
N PRO B 316 -37.04 -1.65 1.87
CA PRO B 316 -35.84 -2.30 2.39
C PRO B 316 -35.48 -3.45 1.44
N LYS B 317 -34.19 -3.74 1.31
CA LYS B 317 -33.66 -4.74 0.35
C LYS B 317 -33.65 -6.11 1.03
N SER B 318 -34.04 -7.12 0.27
CA SER B 318 -34.15 -8.50 0.76
C SER B 318 -34.25 -9.43 -0.46
N SER B 319 -34.45 -10.73 -0.19
CA SER B 319 -34.68 -11.79 -1.20
C SER B 319 -35.87 -11.48 -2.11
N LYS B 320 -36.84 -10.71 -1.64
CA LYS B 320 -38.04 -10.51 -2.48
C LYS B 320 -37.83 -9.36 -3.47
N ASN B 321 -36.71 -8.64 -3.46
CA ASN B 321 -36.54 -7.53 -4.44
C ASN B 321 -35.12 -7.31 -4.90
N THR B 322 -34.13 -8.09 -4.41
CA THR B 322 -32.68 -7.83 -4.67
C THR B 322 -31.98 -9.12 -5.10
N ASP B 323 -31.39 -9.13 -6.30
CA ASP B 323 -30.69 -10.29 -6.89
C ASP B 323 -29.70 -10.85 -5.87
N PHE B 324 -28.92 -9.97 -5.27
CA PHE B 324 -27.83 -10.35 -4.32
C PHE B 324 -28.39 -11.25 -3.20
N PHE B 325 -29.63 -11.06 -2.75
CA PHE B 325 -30.19 -11.73 -1.55
C PHE B 325 -30.98 -12.99 -1.93
N ILE B 326 -31.27 -13.21 -3.21
CA ILE B 326 -32.12 -14.37 -3.61
C ILE B 326 -31.34 -15.64 -3.28
N GLY B 327 -31.93 -16.58 -2.54
CA GLY B 327 -31.21 -17.83 -2.24
C GLY B 327 -30.43 -17.77 -0.92
N LYS B 328 -30.05 -16.59 -0.44
CA LYS B 328 -29.48 -16.46 0.92
C LYS B 328 -30.49 -17.01 1.93
N PRO B 329 -30.02 -17.78 2.94
CA PRO B 329 -30.89 -18.53 3.85
C PRO B 329 -31.45 -17.68 4.98
N THR B 330 -32.05 -16.55 4.60
CA THR B 330 -32.64 -15.55 5.52
C THR B 330 -33.69 -14.74 4.77
N LEU B 331 -34.70 -14.24 5.47
CA LEU B 331 -35.71 -13.29 4.94
C LEU B 331 -35.44 -11.88 5.50
N ARG B 332 -34.33 -11.69 6.19
CA ARG B 332 -33.99 -10.38 6.81
C ARG B 332 -33.97 -9.29 5.74
N GLU B 333 -34.47 -8.09 6.07
CA GLU B 333 -34.52 -6.91 5.16
C GLU B 333 -33.51 -5.87 5.64
N LEU B 334 -32.83 -5.20 4.70
CA LEU B 334 -31.83 -4.14 4.98
C LEU B 334 -32.48 -2.78 4.74
N THR B 335 -32.51 -1.94 5.76
CA THR B 335 -33.14 -0.61 5.70
C THR B 335 -32.15 0.38 5.08
N SER B 336 -30.89 -0.01 4.87
CA SER B 336 -29.85 0.88 4.31
C SER B 336 -28.66 0.00 3.94
N GLN B 337 -27.66 0.60 3.33
CA GLN B 337 -26.41 -0.10 2.92
C GLN B 337 -25.78 -0.73 4.16
N HIS B 338 -25.79 -0.03 5.29
CA HIS B 338 -25.19 -0.49 6.56
C HIS B 338 -26.17 -0.28 7.70
N PRO B 339 -27.08 -1.23 7.94
CA PRO B 339 -28.08 -1.10 9.01
C PRO B 339 -27.46 -0.96 10.40
N TYR B 340 -26.31 -1.57 10.67
CA TYR B 340 -25.67 -1.46 12.02
C TYR B 340 -25.25 0.01 12.22
N ALA B 341 -24.54 0.58 11.25
CA ALA B 341 -24.11 2.00 11.24
C ALA B 341 -25.35 2.91 11.40
N GLU B 342 -26.43 2.62 10.69
CA GLU B 342 -27.70 3.40 10.73
C GLU B 342 -28.27 3.37 12.16
N VAL B 343 -28.46 2.19 12.73
CA VAL B 343 -29.30 2.03 13.95
C VAL B 343 -28.44 2.15 15.21
N PHE B 344 -27.25 1.56 15.22
CA PHE B 344 -26.42 1.42 16.43
C PHE B 344 -25.41 2.58 16.53
N ILE B 345 -25.19 3.34 15.46
CA ILE B 345 -24.30 4.53 15.51
C ILE B 345 -25.14 5.78 15.25
N GLY B 346 -25.69 5.96 14.05
CA GLY B 346 -26.55 7.11 13.71
C GLY B 346 -25.78 8.43 13.65
N ARG B 347 -26.51 9.54 13.60
CA ARG B 347 -25.89 10.88 13.55
C ARG B 347 -25.14 11.15 14.84
N PRO B 348 -24.06 11.95 14.82
CA PRO B 348 -23.61 12.68 13.64
C PRO B 348 -22.66 11.92 12.71
N HIS B 349 -22.27 10.70 13.10
CA HIS B 349 -21.25 9.86 12.41
C HIS B 349 -21.85 9.25 11.14
N VAL B 350 -23.13 8.93 11.15
CA VAL B 350 -23.84 8.24 10.03
C VAL B 350 -25.08 9.07 9.68
N TRP B 351 -25.10 9.54 8.45
CA TRP B 351 -26.29 10.15 7.81
C TRP B 351 -26.91 9.16 6.84
N THR B 352 -28.12 8.70 7.15
CA THR B 352 -28.84 7.69 6.33
C THR B 352 -29.82 8.48 5.48
N VAL B 353 -29.53 8.59 4.20
CA VAL B 353 -30.22 9.50 3.23
C VAL B 353 -30.70 8.69 2.03
N ASP B 354 -31.83 9.10 1.47
CA ASP B 354 -32.31 8.69 0.13
C ASP B 354 -31.39 9.33 -0.93
N LEU B 355 -30.65 8.50 -1.64
CA LEU B 355 -29.69 8.89 -2.73
C LEU B 355 -30.39 9.74 -3.80
N ASN B 356 -31.68 9.48 -4.06
CA ASN B 356 -32.53 10.13 -5.10
C ASN B 356 -32.97 11.53 -4.65
N ASN B 357 -33.10 11.74 -3.33
CA ASN B 357 -33.63 13.01 -2.73
C ASN B 357 -32.49 14.04 -2.70
N GLN B 358 -32.36 14.86 -3.74
CA GLN B 358 -31.22 15.80 -3.92
C GLN B 358 -31.13 16.76 -2.73
N GLU B 359 -32.29 17.18 -2.19
CA GLU B 359 -32.30 18.16 -1.07
C GLU B 359 -31.71 17.50 0.18
N GLU B 360 -32.15 16.28 0.50
CA GLU B 360 -31.74 15.52 1.70
C GLU B 360 -30.22 15.25 1.64
N VAL B 361 -29.72 14.86 0.46
CA VAL B 361 -28.28 14.59 0.24
C VAL B 361 -27.52 15.90 0.47
N GLU B 362 -27.98 17.00 -0.14
CA GLU B 362 -27.28 18.30 -0.11
C GLU B 362 -27.20 18.76 1.36
N ASP B 363 -28.29 18.63 2.10
CA ASP B 363 -28.38 19.07 3.52
C ASP B 363 -27.46 18.21 4.39
N ALA B 364 -27.41 16.90 4.18
CA ALA B 364 -26.49 15.98 4.89
C ALA B 364 -25.05 16.41 4.65
N VAL B 365 -24.65 16.67 3.40
CA VAL B 365 -23.25 17.04 3.05
C VAL B 365 -22.91 18.36 3.75
N LYS B 366 -23.83 19.33 3.67
CA LYS B 366 -23.65 20.69 4.25
C LYS B 366 -23.55 20.55 5.77
N ALA B 367 -24.40 19.70 6.37
CA ALA B 367 -24.40 19.44 7.83
C ALA B 367 -23.04 18.84 8.21
N ILE B 368 -22.59 17.85 7.47
CA ILE B 368 -21.35 17.09 7.79
C ILE B 368 -20.14 18.03 7.74
N LEU B 369 -20.10 18.90 6.73
CA LEU B 369 -19.06 19.96 6.56
C LEU B 369 -18.99 20.81 7.83
N ASN B 370 -20.14 21.09 8.45
CA ASN B 370 -20.25 21.99 9.62
C ASN B 370 -20.17 21.21 10.94
N GLN B 371 -19.96 19.89 10.88
CA GLN B 371 -19.85 19.02 12.08
C GLN B 371 -18.43 19.05 12.67
N LYS B 372 -18.35 18.93 14.00
CA LYS B 372 -17.08 18.70 14.73
C LYS B 372 -16.74 17.22 14.61
N ILE B 373 -15.49 16.93 14.29
CA ILE B 373 -14.94 15.54 14.13
C ILE B 373 -14.89 14.88 15.50
N GLU B 374 -15.55 13.73 15.68
CA GLU B 374 -15.48 12.87 16.88
C GLU B 374 -15.24 11.42 16.44
N PRO B 375 -13.98 10.95 16.42
CA PRO B 375 -13.70 9.56 16.09
C PRO B 375 -14.44 8.62 17.03
N TYR B 376 -15.08 7.56 16.52
CA TYR B 376 -15.97 6.68 17.33
C TYR B 376 -15.83 5.22 16.89
N MET B 377 -15.75 4.31 17.87
CA MET B 377 -15.82 2.85 17.67
C MET B 377 -16.74 2.28 18.75
N PRO B 378 -17.74 1.48 18.38
CA PRO B 378 -18.53 0.77 19.37
C PRO B 378 -17.54 -0.15 20.10
N TYR B 379 -17.72 -0.37 21.38
CA TYR B 379 -16.84 -1.23 22.20
C TYR B 379 -16.74 -2.65 21.59
N GLU B 380 -17.83 -3.18 21.05
CA GLU B 380 -17.84 -4.57 20.55
C GLU B 380 -16.90 -4.69 19.34
N PHE B 381 -16.53 -3.61 18.67
CA PHE B 381 -15.61 -3.68 17.51
C PHE B 381 -14.18 -3.18 17.86
N THR B 382 -13.84 -3.13 19.14
CA THR B 382 -12.49 -2.86 19.64
C THR B 382 -11.78 -4.18 19.85
N CYS B 383 -10.46 -4.18 19.97
CA CYS B 383 -9.67 -5.41 20.28
C CYS B 383 -10.16 -5.99 21.61
N GLU B 384 -10.35 -5.17 22.64
CA GLU B 384 -10.75 -5.72 23.97
C GLU B 384 -12.21 -6.20 23.91
N GLY B 385 -13.08 -5.49 23.21
CA GLY B 385 -14.46 -5.93 22.95
C GLY B 385 -14.56 -7.29 22.29
N MET B 386 -13.82 -7.51 21.19
CA MET B 386 -13.81 -8.79 20.44
C MET B 386 -13.20 -9.87 21.34
N LEU B 387 -12.10 -9.56 22.01
CA LEU B 387 -11.43 -10.55 22.89
C LEU B 387 -12.42 -11.01 23.98
N GLN B 388 -13.14 -10.09 24.60
CA GLN B 388 -14.13 -10.41 25.67
C GLN B 388 -15.25 -11.28 25.09
N ARG B 389 -15.71 -10.97 23.88
CA ARG B 389 -16.86 -11.64 23.25
C ARG B 389 -16.42 -13.07 22.92
N ILE B 390 -15.28 -13.24 22.23
CA ILE B 390 -14.91 -14.59 21.74
C ILE B 390 -14.46 -15.46 22.93
N ASN B 391 -13.78 -14.90 23.94
CA ASN B 391 -13.45 -15.62 25.20
C ASN B 391 -14.74 -16.12 25.84
N ALA B 392 -15.79 -15.31 25.90
CA ALA B 392 -17.07 -15.70 26.52
C ALA B 392 -17.69 -16.87 25.78
N PHE B 393 -17.65 -16.80 24.45
CA PHE B 393 -18.20 -17.84 23.57
C PHE B 393 -17.40 -19.12 23.76
N ILE B 394 -16.07 -19.03 23.81
CA ILE B 394 -15.22 -20.24 23.92
C ILE B 394 -15.49 -20.89 25.28
N GLU B 395 -15.55 -20.09 26.33
CA GLU B 395 -15.63 -20.61 27.72
C GLU B 395 -17.05 -21.08 28.01
N LYS B 396 -18.07 -20.42 27.46
CA LYS B 396 -19.45 -20.49 27.98
C LYS B 396 -20.40 -21.17 27.01
N GLN B 397 -20.16 -21.02 25.71
CA GLN B 397 -21.09 -21.53 24.68
C GLN B 397 -20.82 -23.02 24.43
N ASP B 398 -21.80 -23.86 24.72
CA ASP B 398 -21.59 -25.33 24.64
C ASP B 398 -22.84 -25.95 24.04
N PHE B 399 -22.72 -26.59 22.88
CA PHE B 399 -23.85 -27.21 22.15
C PHE B 399 -23.73 -28.74 22.29
N CYS B 400 -22.76 -29.21 23.08
CA CYS B 400 -22.35 -30.64 23.15
C CYS B 400 -23.00 -31.39 24.32
N HIS B 401 -23.93 -30.80 25.07
CA HIS B 401 -24.60 -31.47 26.22
C HIS B 401 -26.11 -31.22 26.23
N GLY B 402 -26.74 -31.17 25.05
CA GLY B 402 -28.17 -30.83 24.87
C GLY B 402 -28.37 -29.36 24.46
N MET B 405 -28.04 -23.70 29.71
CA MET B 405 -27.15 -23.36 30.86
C MET B 405 -26.55 -21.97 30.66
N TRP B 406 -26.43 -21.47 29.42
CA TRP B 406 -25.80 -20.16 29.09
C TRP B 406 -26.40 -19.58 27.81
N PRO B 407 -26.93 -18.34 27.83
CA PRO B 407 -26.93 -17.49 29.01
C PRO B 407 -27.72 -18.08 30.17
N PRO B 408 -27.48 -17.59 31.41
CA PRO B 408 -28.18 -18.11 32.57
C PRO B 408 -29.66 -17.72 32.50
N LEU B 409 -30.53 -18.60 32.98
CA LEU B 409 -32.00 -18.41 33.05
C LEU B 409 -32.33 -17.07 33.72
N SER B 410 -31.51 -16.64 34.69
CA SER B 410 -31.61 -15.33 35.39
C SER B 410 -31.83 -14.17 34.41
N ALA B 411 -31.32 -14.24 33.17
CA ALA B 411 -31.34 -13.11 32.22
C ALA B 411 -32.64 -13.05 31.41
N LEU B 412 -33.49 -14.06 31.51
CA LEU B 412 -34.74 -14.19 30.71
C LEU B 412 -35.70 -13.07 31.12
N GLN B 413 -36.11 -12.26 30.15
CA GLN B 413 -37.27 -11.34 30.27
C GLN B 413 -38.27 -11.69 29.17
N VAL B 414 -39.38 -12.34 29.54
CA VAL B 414 -40.41 -12.79 28.57
C VAL B 414 -41.17 -11.55 28.09
N LYS B 415 -41.38 -11.43 26.79
CA LYS B 415 -42.25 -10.39 26.17
C LYS B 415 -43.24 -11.09 25.24
N LEU B 416 -44.43 -10.51 25.10
CA LEU B 416 -45.45 -10.95 24.11
C LEU B 416 -45.37 -10.00 22.92
N ALA B 417 -44.94 -10.51 21.77
CA ALA B 417 -44.95 -9.79 20.50
C ALA B 417 -46.40 -9.69 20.05
N GLU B 418 -46.81 -8.53 19.55
CA GLU B 418 -48.15 -8.34 18.94
C GLU B 418 -48.22 -9.16 17.65
N PRO B 419 -49.43 -9.25 17.04
CA PRO B 419 -49.54 -9.74 15.67
C PRO B 419 -48.72 -8.84 14.76
N GLY B 420 -48.09 -9.43 13.73
CA GLY B 420 -47.26 -8.70 12.74
C GLY B 420 -45.93 -8.25 13.31
N GLN B 421 -45.59 -8.72 14.52
CA GLN B 421 -44.35 -8.37 15.25
C GLN B 421 -43.59 -9.67 15.58
N SER B 422 -42.30 -9.71 15.22
CA SER B 422 -41.40 -10.86 15.51
C SER B 422 -40.86 -10.73 16.94
N CYS B 423 -40.31 -11.82 17.47
CA CYS B 423 -39.59 -11.85 18.76
C CYS B 423 -38.34 -10.96 18.64
N LYS B 424 -37.69 -10.91 17.47
CA LYS B 424 -36.53 -10.00 17.23
C LYS B 424 -36.97 -8.57 17.57
N GLN B 425 -38.10 -8.13 17.01
CA GLN B 425 -38.60 -6.74 17.07
C GLN B 425 -39.06 -6.39 18.48
N VAL B 426 -39.83 -7.25 19.16
CA VAL B 426 -40.41 -6.90 20.49
C VAL B 426 -39.28 -6.78 21.50
N CYS B 427 -38.25 -7.64 21.42
CA CYS B 427 -37.09 -7.56 22.34
C CYS B 427 -36.34 -6.27 22.07
N GLN B 428 -36.12 -5.93 20.80
CA GLN B 428 -35.33 -4.76 20.35
C GLN B 428 -35.96 -3.45 20.86
N GLU B 429 -37.28 -3.28 20.69
CA GLU B 429 -37.98 -2.01 21.02
C GLU B 429 -38.13 -1.86 22.53
N SER B 430 -37.78 -2.88 23.33
CA SER B 430 -37.59 -2.79 24.81
C SER B 430 -36.10 -2.62 25.16
N GLN B 431 -35.25 -2.33 24.17
CA GLN B 431 -33.76 -2.22 24.33
C GLN B 431 -33.25 -3.54 24.95
N LEU B 432 -33.79 -4.67 24.49
CA LEU B 432 -33.31 -6.03 24.84
C LEU B 432 -32.94 -6.72 23.53
N ILE B 433 -32.59 -7.99 23.59
CA ILE B 433 -32.31 -8.79 22.37
C ILE B 433 -32.89 -10.18 22.59
N CYS B 434 -33.49 -10.72 21.54
CA CYS B 434 -34.06 -12.07 21.56
C CYS B 434 -32.95 -13.07 21.90
N GLU B 435 -33.25 -14.00 22.79
CA GLU B 435 -32.31 -15.05 23.22
C GLU B 435 -32.93 -16.41 22.96
N PRO B 436 -32.62 -17.01 21.79
CA PRO B 436 -33.29 -18.24 21.37
C PRO B 436 -33.04 -19.42 22.31
N SER B 437 -32.00 -19.38 23.13
CA SER B 437 -31.70 -20.48 24.09
C SER B 437 -32.75 -20.53 25.19
N PHE B 438 -33.60 -19.52 25.28
CA PHE B 438 -34.64 -19.43 26.36
C PHE B 438 -36.00 -19.92 25.86
N PHE B 439 -36.19 -20.18 24.55
CA PHE B 439 -37.49 -20.69 24.04
C PHE B 439 -37.84 -21.99 24.75
N GLN B 440 -36.85 -22.83 25.09
CA GLN B 440 -37.02 -24.14 25.75
C GLN B 440 -37.79 -24.01 27.07
N HIS B 441 -37.78 -22.82 27.70
CA HIS B 441 -38.43 -22.50 29.01
C HIS B 441 -39.83 -21.92 28.83
N LEU B 442 -40.28 -21.70 27.59
CA LEU B 442 -41.57 -21.03 27.28
C LEU B 442 -42.49 -21.99 26.53
N ASN B 443 -42.31 -23.31 26.68
CA ASN B 443 -42.88 -24.26 25.70
C ASN B 443 -43.75 -25.34 26.36
N LYS B 444 -44.48 -24.99 27.42
CA LYS B 444 -45.56 -25.83 28.00
C LYS B 444 -46.41 -24.99 28.96
N ASP B 445 -47.55 -25.54 29.38
CA ASP B 445 -48.59 -24.84 30.19
C ASP B 445 -47.94 -24.39 31.51
N LYS B 446 -47.29 -25.33 32.21
CA LYS B 446 -46.73 -25.13 33.58
C LYS B 446 -45.62 -24.08 33.56
N ASP B 447 -44.88 -23.96 32.45
CA ASP B 447 -43.82 -22.94 32.26
C ASP B 447 -44.46 -21.55 32.07
N MET B 448 -45.56 -21.47 31.31
CA MET B 448 -46.21 -20.17 30.97
C MET B 448 -46.75 -19.49 32.24
N LEU B 449 -47.07 -20.28 33.28
CA LEU B 449 -47.60 -19.77 34.59
C LEU B 449 -46.55 -18.85 35.23
N LYS B 450 -45.29 -19.29 35.26
CA LYS B 450 -44.14 -18.54 35.82
C LYS B 450 -44.09 -17.10 35.28
N TYR B 451 -44.54 -16.85 34.04
CA TYR B 451 -44.45 -15.53 33.34
C TYR B 451 -45.85 -14.95 33.20
N LYS B 452 -46.77 -15.35 34.10
CA LYS B 452 -48.12 -14.77 34.28
C LYS B 452 -48.91 -14.88 32.98
N VAL B 453 -48.79 -16.03 32.31
CA VAL B 453 -49.62 -16.41 31.12
C VAL B 453 -50.32 -17.73 31.44
N THR B 454 -51.64 -17.78 31.26
CA THR B 454 -52.54 -18.90 31.62
C THR B 454 -53.18 -19.45 30.34
N CYS B 455 -52.82 -20.70 30.00
CA CYS B 455 -53.34 -21.44 28.83
C CYS B 455 -54.57 -22.25 29.26
N GLN B 456 -55.76 -21.80 28.87
CA GLN B 456 -57.04 -22.54 29.04
C GLN B 456 -56.99 -23.80 28.18
N SER B 457 -56.59 -23.63 26.92
CA SER B 457 -56.34 -24.72 25.93
C SER B 457 -54.93 -24.58 25.33
N SER B 458 -54.45 -25.64 24.70
CA SER B 458 -53.14 -25.67 23.99
C SER B 458 -53.15 -26.79 22.96
N GLU B 459 -52.35 -26.65 21.90
CA GLU B 459 -52.02 -27.72 20.91
C GLU B 459 -50.54 -27.56 20.55
N LEU B 460 -49.98 -28.51 19.80
CA LEU B 460 -48.59 -28.47 19.29
C LEU B 460 -48.62 -28.17 17.79
N ALA B 461 -47.67 -27.36 17.32
CA ALA B 461 -47.45 -27.02 15.89
C ALA B 461 -45.94 -27.09 15.64
N LYS B 462 -45.55 -27.61 14.47
CA LYS B 462 -44.15 -27.54 13.97
C LYS B 462 -44.08 -26.31 13.08
N ASP B 463 -43.82 -25.15 13.68
CA ASP B 463 -43.86 -23.83 13.02
C ASP B 463 -42.85 -22.91 13.71
N ILE B 464 -42.22 -22.01 12.96
CA ILE B 464 -41.25 -21.02 13.52
C ILE B 464 -42.00 -19.99 14.36
N LEU B 465 -43.33 -19.90 14.26
CA LEU B 465 -44.11 -18.77 14.86
C LEU B 465 -44.61 -19.12 16.25
N VAL B 466 -44.27 -20.29 16.78
CA VAL B 466 -44.73 -20.73 18.11
C VAL B 466 -43.51 -20.91 19.03
N PRO B 467 -43.63 -20.72 20.36
CA PRO B 467 -44.93 -20.60 21.04
C PRO B 467 -45.74 -19.32 20.76
N SER B 468 -47.06 -19.50 20.56
CA SER B 468 -48.02 -18.40 20.26
C SER B 468 -49.12 -18.41 21.33
N PHE B 469 -49.75 -17.24 21.54
CA PHE B 469 -50.84 -17.00 22.52
C PHE B 469 -51.97 -16.25 21.82
N ASP B 470 -53.17 -16.83 21.84
CA ASP B 470 -54.45 -16.15 21.50
C ASP B 470 -54.99 -15.55 22.80
N PRO B 471 -54.90 -14.21 23.00
CA PRO B 471 -55.34 -13.60 24.25
C PRO B 471 -56.88 -13.60 24.32
N LYS B 472 -57.53 -13.52 23.16
CA LYS B 472 -59.01 -13.58 22.94
C LYS B 472 -59.57 -14.91 23.46
N ASN B 473 -58.85 -16.02 23.22
CA ASN B 473 -59.26 -17.41 23.54
C ASN B 473 -58.50 -17.95 24.76
N LYS B 474 -57.40 -17.31 25.18
CA LYS B 474 -56.41 -17.86 26.14
C LYS B 474 -55.97 -19.27 25.70
N HIS B 475 -55.71 -19.41 24.39
CA HIS B 475 -55.21 -20.65 23.71
C HIS B 475 -53.73 -20.52 23.37
N CYS B 476 -52.92 -21.50 23.79
CA CYS B 476 -51.46 -21.53 23.53
C CYS B 476 -51.15 -22.61 22.47
N VAL B 477 -50.42 -22.23 21.41
CA VAL B 477 -49.77 -23.19 20.48
C VAL B 477 -48.29 -23.30 20.89
N PHE B 478 -47.83 -24.51 21.19
CA PHE B 478 -46.44 -24.83 21.60
C PHE B 478 -45.70 -25.50 20.44
N GLN B 479 -44.36 -25.47 20.53
CA GLN B 479 -43.44 -25.93 19.47
C GLN B 479 -43.33 -27.45 19.53
N GLY B 480 -43.67 -28.12 18.42
CA GLY B 480 -43.53 -29.58 18.26
C GLY B 480 -42.20 -29.98 17.65
N ASP B 481 -41.45 -29.05 17.05
CA ASP B 481 -40.10 -29.32 16.48
C ASP B 481 -39.15 -28.27 17.06
N LEU B 482 -38.33 -28.67 18.04
CA LEU B 482 -37.54 -27.70 18.84
C LEU B 482 -36.49 -27.04 17.92
N LEU B 483 -36.11 -27.68 16.82
CA LEU B 483 -35.16 -27.09 15.84
C LEU B 483 -35.81 -25.90 15.13
N LEU B 484 -37.12 -25.67 15.31
CA LEU B 484 -37.82 -24.57 14.61
C LEU B 484 -37.99 -23.36 15.51
N PHE B 485 -37.55 -23.39 16.75
CA PHE B 485 -37.51 -22.16 17.60
C PHE B 485 -36.81 -21.04 16.83
N SER B 486 -37.43 -19.88 16.75
CA SER B 486 -37.02 -18.77 15.84
C SER B 486 -37.35 -17.41 16.43
N CYS B 487 -36.34 -16.55 16.65
CA CYS B 487 -36.53 -15.11 16.92
C CYS B 487 -37.19 -14.45 15.72
N ALA B 488 -36.80 -14.83 14.50
CA ALA B 488 -37.32 -14.29 13.22
C ALA B 488 -38.77 -14.76 13.03
N GLY B 489 -39.62 -13.87 12.50
CA GLY B 489 -40.99 -14.21 12.06
C GLY B 489 -42.07 -13.65 12.96
N ALA B 490 -43.10 -13.06 12.35
CA ALA B 490 -44.25 -12.42 13.04
C ALA B 490 -45.50 -13.29 12.85
N HIS B 491 -46.30 -13.47 13.90
CA HIS B 491 -47.63 -14.15 13.82
C HIS B 491 -48.59 -13.15 13.21
N PRO B 492 -49.32 -13.50 12.12
CA PRO B 492 -50.26 -12.56 11.50
C PRO B 492 -51.52 -12.34 12.36
N ARG B 493 -51.90 -13.33 13.18
CA ARG B 493 -53.14 -13.33 14.00
C ARG B 493 -52.79 -13.12 15.47
N HIS B 494 -52.03 -14.04 16.07
CA HIS B 494 -51.82 -14.19 17.54
C HIS B 494 -50.59 -13.41 18.01
N GLN B 495 -50.35 -13.48 19.32
CA GLN B 495 -49.13 -12.98 20.01
C GLN B 495 -48.08 -14.09 19.97
N ARG B 496 -46.80 -13.72 19.84
CA ARG B 496 -45.69 -14.68 20.06
C ARG B 496 -45.22 -14.54 21.51
N VAL B 497 -44.88 -15.66 22.14
CA VAL B 497 -44.21 -15.65 23.46
C VAL B 497 -42.70 -15.68 23.20
N CYS B 498 -42.01 -14.64 23.65
CA CYS B 498 -40.67 -14.21 23.15
C CYS B 498 -39.68 -14.19 24.29
N PRO B 499 -38.51 -14.85 24.14
CA PRO B 499 -37.49 -14.80 25.16
C PRO B 499 -36.52 -13.66 24.83
N CYS B 500 -36.44 -12.68 25.73
CA CYS B 500 -35.53 -11.52 25.62
C CYS B 500 -34.47 -11.63 26.72
N ARG B 501 -33.34 -10.94 26.53
CA ARG B 501 -32.29 -10.78 27.54
C ARG B 501 -31.74 -9.36 27.44
N ASP B 502 -31.13 -8.92 28.53
CA ASP B 502 -30.29 -7.70 28.62
C ASP B 502 -28.99 -7.94 27.86
N PHE B 503 -28.24 -6.87 27.61
CA PHE B 503 -26.87 -6.96 27.06
C PHE B 503 -25.99 -5.91 27.72
N ILE B 504 -24.74 -6.28 27.97
CA ILE B 504 -23.63 -5.37 28.34
C ILE B 504 -23.63 -4.21 27.32
N LYS B 505 -23.49 -2.98 27.81
CA LYS B 505 -23.47 -1.75 26.96
C LYS B 505 -22.36 -1.91 25.91
N GLY B 506 -22.68 -1.67 24.63
CA GLY B 506 -21.76 -1.77 23.48
C GLY B 506 -21.24 -3.18 23.22
N GLN B 507 -21.90 -4.19 23.81
CA GLN B 507 -21.51 -5.63 23.73
C GLN B 507 -22.81 -6.48 23.73
N VAL B 508 -23.57 -6.36 22.64
CA VAL B 508 -24.92 -6.99 22.49
C VAL B 508 -24.83 -8.53 22.59
N ALA B 509 -23.70 -9.17 22.24
CA ALA B 509 -23.58 -10.64 22.27
C ALA B 509 -23.77 -11.20 23.69
N LEU B 510 -23.51 -10.36 24.71
CA LEU B 510 -23.32 -10.85 26.10
C LEU B 510 -24.35 -10.19 27.00
N CYS B 511 -25.03 -10.99 27.83
CA CYS B 511 -25.92 -10.50 28.92
C CYS B 511 -25.00 -9.99 30.04
N LYS B 512 -25.54 -9.17 30.93
CA LYS B 512 -24.77 -8.54 32.04
C LYS B 512 -24.14 -9.64 32.90
N ASP B 513 -24.81 -10.78 33.07
CA ASP B 513 -24.33 -11.90 33.93
C ASP B 513 -23.69 -13.01 33.09
N CYS B 514 -23.21 -12.71 31.88
CA CYS B 514 -22.76 -13.74 30.90
C CYS B 514 -21.26 -14.00 30.98
N LEU B 515 -20.49 -13.18 31.69
CA LEU B 515 -19.00 -13.26 31.66
C LEU B 515 -18.51 -14.48 32.46
#